data_4BFX
#
_entry.id   4BFX
#
_cell.length_a   88.010
_cell.length_b   149.510
_cell.length_c   62.830
_cell.angle_alpha   90.00
_cell.angle_beta   90.00
_cell.angle_gamma   90.00
#
_symmetry.space_group_name_H-M   'P 21 21 2'
#
loop_
_entity.id
_entity.type
_entity.pdbx_description
1 polymer 'PANTOTHENATE KINASE'
2 non-polymer 'PHOSPHATE ION'
3 non-polymer 2,6-difluoro-N-[1-(5-{[2-(4-fluorophenoxy)ethyl]sulfanyl}-4-methyl-4H-1,2,4-triazol-3-yl)ethyl]benzamide
4 water water
#
_entity_poly.entity_id   1
_entity_poly.type   'polypeptide(L)'
_entity_poly.pdbx_seq_one_letter_code
;HHHHHHMSRLSEPSPYVEFDRRQWRALRMSTPLALTEEELVGLRGLGEQIDLLEVEEVYLPLARLIHLQVAARQRLFAAT
AEFLGEPQQNPDRPVPFIIGVAGSVAVGKSTTARVLQALLARWDHHPRVDLVTTDGFLYPNAELQRRNLMHRKGFPESYN
RRALMRFVTSVKSGSDYACAPVYSHLHYDIIPGAEQVVRHPDILILEGLNVLQTGPTLMVSDLFDFSLYVDARIEDIEQW
YVSRFLAMRTTAFADPESHFHHYAAFSDSQAVVAAREIWRTINRPNLVENILPTRPRATLVLRKDADHSINRLRLRKL
;
_entity_poly.pdbx_strand_id   A,B
#
loop_
_chem_comp.id
_chem_comp.type
_chem_comp.name
_chem_comp.formula
PO4 non-polymer 'PHOSPHATE ION' 'O4 P -3'
ZVX non-polymer 2,6-difluoro-N-[1-(5-{[2-(4-fluorophenoxy)ethyl]sulfanyl}-4-methyl-4H-1,2,4-triazol-3-yl)ethyl]benzamide 'C20 H19 F3 N4 O2 S'
#
# COMPACT_ATOMS: atom_id res chain seq x y z
N PRO A 13 3.15 13.73 17.03
CA PRO A 13 1.77 13.33 16.68
C PRO A 13 1.70 11.88 16.18
N SER A 14 0.61 11.55 15.49
CA SER A 14 0.43 10.24 14.84
C SER A 14 0.06 10.50 13.37
N PRO A 15 -0.01 9.44 12.54
CA PRO A 15 -0.44 9.71 11.14
C PRO A 15 -1.95 9.78 11.02
N TYR A 16 -2.60 9.95 12.17
CA TYR A 16 -4.05 9.86 12.25
C TYR A 16 -4.69 11.15 12.67
N VAL A 17 -5.72 11.58 11.96
CA VAL A 17 -6.69 12.50 12.53
C VAL A 17 -7.65 11.68 13.39
N GLU A 18 -7.83 12.06 14.64
CA GLU A 18 -8.68 11.27 15.52
C GLU A 18 -9.94 12.03 16.02
N PHE A 19 -11.12 11.41 15.82
CA PHE A 19 -12.38 11.87 16.43
C PHE A 19 -13.03 10.81 17.31
N ASP A 20 -13.48 11.21 18.49
CA ASP A 20 -14.39 10.33 19.21
C ASP A 20 -15.82 10.60 18.72
N ARG A 21 -16.78 9.82 19.19
CA ARG A 21 -18.18 9.98 18.82
C ARG A 21 -18.71 11.42 18.99
N ARG A 22 -18.42 12.05 20.14
CA ARG A 22 -18.91 13.40 20.43
C ARG A 22 -18.46 14.32 19.33
N GLN A 23 -17.13 14.48 19.28
CA GLN A 23 -16.46 15.36 18.35
C GLN A 23 -16.99 15.15 16.94
N TRP A 24 -17.15 13.88 16.56
CA TRP A 24 -17.65 13.54 15.23
C TRP A 24 -19.07 14.01 14.98
N ARG A 25 -19.98 13.77 15.93
CA ARG A 25 -21.35 14.35 15.87
C ARG A 25 -21.36 15.88 15.78
N ALA A 26 -20.51 16.49 16.61
CA ALA A 26 -20.45 17.94 16.79
C ALA A 26 -19.74 18.72 15.67
N LEU A 27 -19.64 18.12 14.49
CA LEU A 27 -18.95 18.77 13.38
C LEU A 27 -19.94 19.45 12.45
N ARG A 28 -19.60 20.65 12.01
CA ARG A 28 -20.39 21.32 10.98
C ARG A 28 -19.87 20.82 9.65
N MET A 29 -20.67 19.99 8.98
CA MET A 29 -20.30 19.50 7.67
C MET A 29 -21.20 20.16 6.65
N SER A 30 -20.64 21.09 5.89
CA SER A 30 -21.44 22.05 5.10
C SER A 30 -22.06 21.52 3.81
N THR A 31 -22.43 20.24 3.81
CA THR A 31 -23.49 19.72 2.93
C THR A 31 -24.42 18.93 3.84
N PRO A 32 -25.63 19.48 4.08
CA PRO A 32 -26.61 18.67 4.79
C PRO A 32 -27.09 17.53 3.89
N LEU A 33 -26.35 16.42 3.91
CA LEU A 33 -26.74 15.19 3.22
C LEU A 33 -27.80 14.47 4.05
N ALA A 34 -28.98 14.28 3.47
CA ALA A 34 -30.09 13.65 4.18
C ALA A 34 -30.54 12.37 3.48
N LEU A 35 -30.74 11.33 4.27
CA LEU A 35 -31.29 10.09 3.74
C LEU A 35 -32.77 10.21 3.44
N THR A 36 -33.14 9.81 2.23
CA THR A 36 -34.53 9.70 1.86
C THR A 36 -35.18 8.53 2.62
N GLU A 37 -36.50 8.55 2.71
CA GLU A 37 -37.25 7.43 3.28
C GLU A 37 -37.18 6.23 2.34
N GLU A 38 -36.97 6.51 1.05
CA GLU A 38 -36.67 5.47 0.05
C GLU A 38 -35.41 4.70 0.43
N GLU A 39 -34.45 5.39 1.05
CA GLU A 39 -33.19 4.78 1.48
C GLU A 39 -33.29 4.15 2.87
N LEU A 40 -34.19 4.66 3.72
CA LEU A 40 -34.39 4.10 5.06
C LEU A 40 -35.19 2.79 5.08
N VAL A 41 -35.81 2.44 3.95
CA VAL A 41 -36.40 1.11 3.78
C VAL A 41 -35.29 0.09 3.53
N GLY A 42 -34.55 0.27 2.42
CA GLY A 42 -33.36 -0.54 2.13
C GLY A 42 -32.49 -0.83 3.34
N LEU A 43 -32.23 0.19 4.16
CA LEU A 43 -31.32 0.07 5.29
C LEU A 43 -31.92 -0.58 6.53
N ARG A 44 -33.24 -0.73 6.55
CA ARG A 44 -33.83 -1.64 7.52
C ARG A 44 -33.88 -3.03 6.93
N GLY A 45 -33.99 -3.09 5.60
CA GLY A 45 -33.98 -4.35 4.84
C GLY A 45 -32.68 -5.11 4.90
N LEU A 46 -31.62 -4.44 5.36
CA LEU A 46 -30.33 -5.10 5.60
C LEU A 46 -30.32 -5.81 6.94
N GLY A 47 -31.40 -5.65 7.70
CA GLY A 47 -31.57 -6.33 8.98
C GLY A 47 -31.57 -5.40 10.18
N GLU A 48 -31.41 -6.01 11.35
CA GLU A 48 -31.37 -5.26 12.60
C GLU A 48 -30.05 -5.45 13.34
N GLN A 49 -30.04 -5.13 14.64
CA GLN A 49 -28.85 -4.62 15.31
C GLN A 49 -28.64 -3.23 14.72
N ILE A 50 -28.80 -3.16 13.39
CA ILE A 50 -28.65 -1.93 12.60
C ILE A 50 -29.41 -0.78 13.23
N ASP A 51 -28.61 0.17 13.71
CA ASP A 51 -29.08 1.37 14.36
C ASP A 51 -29.11 2.47 13.29
N LEU A 52 -30.31 2.92 12.94
CA LEU A 52 -30.48 3.90 11.89
C LEU A 52 -29.87 5.25 12.25
N LEU A 53 -29.86 5.61 13.53
CA LEU A 53 -29.19 6.85 13.93
C LEU A 53 -27.71 6.83 13.60
N GLU A 54 -27.04 5.73 13.90
CA GLU A 54 -25.65 5.55 13.48
C GLU A 54 -25.44 5.56 11.97
N VAL A 55 -26.37 5.01 11.21
CA VAL A 55 -26.25 5.16 9.77
C VAL A 55 -26.25 6.62 9.38
N GLU A 56 -27.15 7.40 9.99
CA GLU A 56 -27.23 8.82 9.68
C GLU A 56 -26.00 9.55 10.22
N GLU A 57 -25.64 9.31 11.47
CA GLU A 57 -24.63 10.14 12.13
C GLU A 57 -23.20 9.75 11.85
N VAL A 58 -22.98 8.48 11.50
CA VAL A 58 -21.62 8.00 11.25
C VAL A 58 -21.43 7.55 9.80
N TYR A 59 -22.09 6.49 9.39
CA TYR A 59 -21.85 5.93 8.05
C TYR A 59 -22.10 6.86 6.87
N LEU A 60 -23.10 7.73 6.96
CA LEU A 60 -23.33 8.67 5.85
C LEU A 60 -22.18 9.66 5.70
N PRO A 61 -21.80 10.35 6.79
CA PRO A 61 -20.59 11.14 6.70
C PRO A 61 -19.39 10.37 6.12
N LEU A 62 -19.03 9.24 6.72
CA LEU A 62 -17.96 8.42 6.17
C LEU A 62 -18.14 8.18 4.69
N ALA A 63 -19.38 7.86 4.29
CA ALA A 63 -19.64 7.60 2.88
C ALA A 63 -19.25 8.81 2.06
N ARG A 64 -19.38 10.01 2.64
CA ARG A 64 -19.01 11.20 1.91
C ARG A 64 -17.50 11.30 1.81
N LEU A 65 -16.80 11.04 2.92
CA LEU A 65 -15.35 10.98 2.85
C LEU A 65 -14.90 10.07 1.73
N ILE A 66 -15.34 8.82 1.78
CA ILE A 66 -14.86 7.87 0.84
C ILE A 66 -15.20 8.35 -0.57
N HIS A 67 -16.29 9.12 -0.66
CA HIS A 67 -16.71 9.64 -1.95
C HIS A 67 -15.72 10.65 -2.50
N LEU A 68 -15.28 11.55 -1.63
CA LEU A 68 -14.30 12.54 -2.01
C LEU A 68 -13.06 11.86 -2.61
N GLN A 69 -12.69 10.72 -2.06
CA GLN A 69 -11.56 9.95 -2.54
C GLN A 69 -11.84 9.34 -3.90
N VAL A 70 -13.01 8.72 -4.07
CA VAL A 70 -13.34 8.15 -5.37
C VAL A 70 -13.45 9.23 -6.45
N ALA A 71 -13.98 10.39 -6.08
CA ALA A 71 -14.18 11.46 -7.06
C ALA A 71 -12.81 12.01 -7.51
N ALA A 72 -11.91 12.26 -6.55
CA ALA A 72 -10.51 12.59 -6.85
C ALA A 72 -9.84 11.57 -7.77
N ARG A 73 -10.03 10.28 -7.51
CA ARG A 73 -9.40 9.27 -8.37
C ARG A 73 -9.97 9.29 -9.78
N GLN A 74 -11.27 9.52 -9.93
CA GLN A 74 -11.85 9.55 -11.28
C GLN A 74 -11.39 10.75 -12.10
N ARG A 75 -11.23 11.89 -11.43
CA ARG A 75 -10.70 13.09 -12.07
C ARG A 75 -9.24 12.92 -12.38
N LEU A 76 -8.47 12.41 -11.43
CA LEU A 76 -7.07 12.20 -11.68
C LEU A 76 -6.87 11.27 -12.85
N PHE A 77 -7.69 10.22 -12.92
CA PHE A 77 -7.65 9.34 -14.07
C PHE A 77 -7.64 10.19 -15.33
N ALA A 78 -8.72 10.97 -15.44
CA ALA A 78 -9.00 11.78 -16.62
C ALA A 78 -7.88 12.78 -16.98
N ALA A 79 -7.27 13.42 -15.98
CA ALA A 79 -6.28 14.43 -16.24
C ALA A 79 -5.00 13.77 -16.73
N THR A 80 -4.79 12.54 -16.29
CA THR A 80 -3.66 11.73 -16.71
C THR A 80 -3.87 11.29 -18.14
N ALA A 81 -5.03 10.69 -18.42
CA ALA A 81 -5.44 10.32 -19.79
C ALA A 81 -5.32 11.49 -20.79
N GLU A 82 -5.77 12.66 -20.39
CA GLU A 82 -5.63 13.87 -21.20
C GLU A 82 -4.16 14.11 -21.48
N PHE A 83 -3.38 14.17 -20.41
CA PHE A 83 -1.96 14.43 -20.49
C PHE A 83 -1.23 13.54 -21.50
N LEU A 84 -1.65 12.28 -21.61
CA LEU A 84 -1.05 11.34 -22.54
C LEU A 84 -1.75 11.31 -23.90
N GLY A 85 -2.45 12.39 -24.25
CA GLY A 85 -3.18 12.47 -25.52
C GLY A 85 -4.06 11.26 -25.78
N GLU A 86 -4.73 10.80 -24.72
CA GLU A 86 -5.41 9.49 -24.66
C GLU A 86 -5.00 8.43 -25.67
N PRO A 87 -3.92 7.72 -25.36
CA PRO A 87 -3.39 6.62 -26.15
C PRO A 87 -4.31 5.42 -26.16
N GLN A 88 -4.13 4.57 -27.16
CA GLN A 88 -4.91 3.34 -27.30
C GLN A 88 -4.76 2.38 -26.12
N GLN A 89 -3.55 2.22 -25.62
CA GLN A 89 -3.30 1.22 -24.57
C GLN A 89 -3.73 1.67 -23.15
N ASN A 90 -4.05 2.95 -23.00
CA ASN A 90 -4.75 3.46 -21.81
C ASN A 90 -6.24 3.07 -21.80
N PRO A 91 -6.73 2.42 -20.73
CA PRO A 91 -8.15 2.04 -20.67
C PRO A 91 -9.09 3.27 -20.77
N ASP A 92 -10.36 3.03 -21.09
CA ASP A 92 -11.28 4.14 -21.40
C ASP A 92 -11.96 4.78 -20.19
N ARG A 93 -12.17 4.00 -19.15
CA ARG A 93 -12.75 4.50 -17.92
C ARG A 93 -11.77 4.21 -16.77
N PRO A 94 -11.99 4.84 -15.60
CA PRO A 94 -11.18 4.37 -14.51
C PRO A 94 -11.50 2.92 -14.23
N VAL A 95 -10.53 2.20 -13.72
CA VAL A 95 -10.72 0.88 -13.17
C VAL A 95 -11.44 1.04 -11.85
N PRO A 96 -12.11 -0.04 -11.38
CA PRO A 96 -12.82 -0.02 -10.12
C PRO A 96 -11.99 0.53 -8.96
N PHE A 97 -12.63 1.24 -8.06
CA PHE A 97 -12.01 1.72 -6.83
C PHE A 97 -12.21 0.65 -5.75
N ILE A 98 -11.13 0.11 -5.22
CA ILE A 98 -11.24 -0.97 -4.28
C ILE A 98 -11.07 -0.56 -2.83
N ILE A 99 -11.95 -1.08 -1.98
CA ILE A 99 -11.95 -0.76 -0.58
C ILE A 99 -11.91 -2.05 0.21
N GLY A 100 -10.96 -2.17 1.12
CA GLY A 100 -10.84 -3.35 1.97
C GLY A 100 -11.59 -3.14 3.29
N VAL A 101 -12.23 -4.21 3.76
CA VAL A 101 -12.87 -4.18 5.07
C VAL A 101 -12.41 -5.38 5.94
N ALA A 102 -11.61 -5.07 6.94
CA ALA A 102 -10.96 -6.06 7.76
C ALA A 102 -11.45 -5.88 9.16
N GLY A 103 -11.23 -6.93 9.95
CA GLY A 103 -11.41 -6.87 11.41
C GLY A 103 -11.70 -8.27 11.87
N SER A 104 -11.76 -8.46 13.18
CA SER A 104 -12.13 -9.77 13.71
C SER A 104 -13.41 -10.41 13.16
N VAL A 105 -13.50 -11.72 13.39
CA VAL A 105 -14.80 -12.40 13.34
C VAL A 105 -15.72 -11.77 14.38
N ALA A 106 -16.99 -11.66 14.03
CA ALA A 106 -18.05 -11.12 14.93
C ALA A 106 -17.88 -9.65 15.33
N VAL A 107 -17.00 -8.94 14.64
CA VAL A 107 -16.87 -7.52 14.90
C VAL A 107 -17.80 -6.66 14.05
N GLY A 108 -18.54 -7.28 13.12
CA GLY A 108 -19.54 -6.52 12.39
C GLY A 108 -19.05 -6.02 11.04
N LYS A 109 -17.97 -6.60 10.54
CA LYS A 109 -17.42 -6.23 9.24
C LYS A 109 -18.53 -6.26 8.24
N SER A 110 -19.27 -7.35 8.25
CA SER A 110 -20.18 -7.62 7.15
C SER A 110 -21.30 -6.59 7.04
N THR A 111 -21.67 -6.03 8.18
CA THR A 111 -22.72 -5.03 8.24
C THR A 111 -22.17 -3.73 7.69
N THR A 112 -21.08 -3.29 8.33
CA THR A 112 -20.35 -2.15 7.85
C THR A 112 -20.20 -2.21 6.32
N ALA A 113 -19.75 -3.34 5.79
CA ALA A 113 -19.55 -3.44 4.36
C ALA A 113 -20.88 -3.27 3.64
N ARG A 114 -21.90 -3.96 4.11
CA ARG A 114 -23.21 -3.91 3.49
C ARG A 114 -23.87 -2.51 3.51
N VAL A 115 -23.71 -1.79 4.62
CA VAL A 115 -24.20 -0.43 4.72
C VAL A 115 -23.42 0.47 3.75
N LEU A 116 -22.12 0.27 3.67
CA LEU A 116 -21.30 1.13 2.85
C LEU A 116 -21.62 0.92 1.42
N GLN A 117 -21.77 -0.35 1.06
CA GLN A 117 -22.14 -0.67 -0.29
C GLN A 117 -23.38 0.16 -0.63
N ALA A 118 -24.35 0.15 0.26
CA ALA A 118 -25.61 0.82 0.02
C ALA A 118 -25.51 2.35 -0.03
N LEU A 119 -24.71 2.95 0.87
CA LEU A 119 -24.59 4.40 0.88
C LEU A 119 -23.72 4.96 -0.23
N LEU A 120 -22.62 4.29 -0.56
CA LEU A 120 -21.74 4.78 -1.61
C LEU A 120 -22.44 4.79 -2.94
N ALA A 121 -23.33 3.81 -3.16
CA ALA A 121 -24.04 3.69 -4.43
C ALA A 121 -24.94 4.88 -4.74
N ARG A 122 -25.27 5.69 -3.74
CA ARG A 122 -26.24 6.76 -3.97
C ARG A 122 -25.74 7.93 -4.82
N TRP A 123 -24.42 8.08 -4.96
CA TRP A 123 -23.86 9.11 -5.79
C TRP A 123 -23.83 8.64 -7.24
N ASP A 124 -23.86 9.58 -8.18
CA ASP A 124 -23.97 9.23 -9.61
C ASP A 124 -22.59 9.17 -10.28
N HIS A 125 -21.57 9.51 -9.51
CA HIS A 125 -20.19 9.32 -9.90
C HIS A 125 -19.85 7.83 -9.85
N HIS A 126 -20.52 7.09 -8.97
CA HIS A 126 -20.22 5.66 -8.78
C HIS A 126 -21.43 4.91 -8.27
N PRO A 127 -22.48 4.77 -9.09
CA PRO A 127 -23.69 4.14 -8.59
C PRO A 127 -23.56 2.61 -8.44
N ARG A 128 -22.52 2.04 -9.05
CA ARG A 128 -22.32 0.59 -9.07
C ARG A 128 -21.22 0.16 -8.08
N VAL A 129 -21.65 -0.44 -6.97
CA VAL A 129 -20.78 -0.79 -5.90
C VAL A 129 -20.99 -2.28 -5.59
N ASP A 130 -20.00 -3.11 -5.91
CA ASP A 130 -20.11 -4.52 -5.65
C ASP A 130 -19.50 -4.91 -4.34
N LEU A 131 -20.01 -5.99 -3.75
CA LEU A 131 -19.49 -6.46 -2.49
C LEU A 131 -19.11 -7.93 -2.58
N VAL A 132 -17.90 -8.23 -2.13
CA VAL A 132 -17.39 -9.58 -2.18
C VAL A 132 -16.70 -9.87 -0.87
N THR A 133 -17.07 -11.00 -0.29
CA THR A 133 -16.41 -11.48 0.89
C THR A 133 -15.34 -12.49 0.51
N THR A 134 -14.23 -12.46 1.23
CA THR A 134 -13.13 -13.36 0.97
C THR A 134 -13.36 -14.76 1.52
N ASP A 135 -14.44 -14.97 2.26
CA ASP A 135 -14.85 -16.32 2.66
C ASP A 135 -14.99 -17.26 1.48
N GLY A 136 -15.28 -16.70 0.30
CA GLY A 136 -15.35 -17.46 -0.92
C GLY A 136 -14.02 -17.99 -1.40
N PHE A 137 -12.95 -17.59 -0.73
CA PHE A 137 -11.65 -18.07 -1.16
C PHE A 137 -10.99 -19.01 -0.20
N LEU A 138 -11.72 -19.35 0.86
CA LEU A 138 -11.35 -20.49 1.70
C LEU A 138 -11.29 -21.72 0.79
N TYR A 139 -10.33 -22.61 1.06
CA TYR A 139 -10.27 -23.89 0.36
C TYR A 139 -11.50 -24.69 0.74
N PRO A 140 -12.06 -25.48 -0.20
CA PRO A 140 -13.21 -26.31 0.20
C PRO A 140 -12.80 -27.22 1.35
N ASN A 141 -13.75 -27.60 2.21
CA ASN A 141 -13.41 -28.47 3.36
C ASN A 141 -12.58 -29.71 2.95
N ALA A 142 -13.00 -30.36 1.88
CA ALA A 142 -12.27 -31.44 1.22
C ALA A 142 -10.78 -31.14 1.10
N GLU A 143 -10.45 -29.98 0.54
CA GLU A 143 -9.06 -29.59 0.35
C GLU A 143 -8.39 -29.21 1.68
N LEU A 144 -9.17 -28.58 2.56
CA LEU A 144 -8.64 -28.23 3.87
C LEU A 144 -8.16 -29.47 4.59
N GLN A 145 -8.71 -30.61 4.15
CA GLN A 145 -8.40 -31.92 4.75
C GLN A 145 -7.21 -32.62 4.14
N ARG A 146 -7.09 -32.58 2.80
CA ARG A 146 -5.89 -33.10 2.15
C ARG A 146 -4.72 -32.37 2.76
N ARG A 147 -4.91 -31.09 3.08
CA ARG A 147 -3.81 -30.28 3.62
C ARG A 147 -3.67 -30.34 5.13
N ASN A 148 -4.59 -31.05 5.80
CA ASN A 148 -4.62 -31.11 7.25
C ASN A 148 -4.73 -29.75 7.94
N LEU A 149 -5.72 -28.98 7.47
CA LEU A 149 -5.90 -27.60 7.90
C LEU A 149 -7.32 -27.24 8.35
N MET A 150 -8.20 -28.23 8.51
CA MET A 150 -9.53 -27.96 9.07
C MET A 150 -9.44 -27.21 10.39
N HIS A 151 -8.52 -27.61 11.26
CA HIS A 151 -8.37 -26.96 12.54
C HIS A 151 -7.93 -25.51 12.37
N ARG A 152 -7.67 -25.12 11.13
CA ARG A 152 -7.08 -23.81 10.91
C ARG A 152 -7.86 -22.92 9.97
N LYS A 153 -9.11 -23.29 9.74
CA LYS A 153 -10.03 -22.50 8.94
C LYS A 153 -10.03 -21.09 9.47
N GLY A 154 -9.89 -20.13 8.56
CA GLY A 154 -9.84 -18.72 8.90
C GLY A 154 -8.47 -18.15 9.17
N PHE A 155 -7.44 -19.02 9.22
CA PHE A 155 -6.07 -18.53 9.31
C PHE A 155 -5.62 -18.35 7.85
N PRO A 156 -4.52 -17.61 7.62
CA PRO A 156 -4.02 -17.35 6.26
C PRO A 156 -3.91 -18.56 5.29
N GLU A 157 -3.43 -19.70 5.77
CA GLU A 157 -3.19 -20.85 4.91
C GLU A 157 -4.46 -21.58 4.50
N SER A 158 -5.60 -21.24 5.12
CA SER A 158 -6.86 -21.88 4.76
C SER A 158 -7.51 -21.24 3.55
N TYR A 159 -6.91 -20.14 3.09
CA TYR A 159 -7.35 -19.49 1.88
C TYR A 159 -6.51 -19.86 0.69
N ASN A 160 -7.18 -20.04 -0.44
CA ASN A 160 -6.47 -20.08 -1.70
C ASN A 160 -6.00 -18.65 -2.03
N ARG A 161 -4.92 -18.22 -1.39
CA ARG A 161 -4.38 -16.90 -1.60
C ARG A 161 -4.08 -16.56 -3.06
N ARG A 162 -3.62 -17.56 -3.82
CA ARG A 162 -3.29 -17.35 -5.23
C ARG A 162 -4.55 -16.96 -5.96
N ALA A 163 -5.61 -17.73 -5.73
CA ALA A 163 -6.86 -17.47 -6.39
C ALA A 163 -7.42 -16.08 -6.05
N LEU A 164 -7.38 -15.75 -4.76
CA LEU A 164 -7.79 -14.43 -4.30
C LEU A 164 -7.05 -13.32 -5.05
N MET A 165 -5.73 -13.45 -5.09
CA MET A 165 -4.90 -12.53 -5.83
C MET A 165 -5.28 -12.40 -7.32
N ARG A 166 -5.55 -13.51 -8.02
CA ARG A 166 -5.94 -13.40 -9.43
C ARG A 166 -7.24 -12.65 -9.56
N PHE A 167 -8.20 -13.01 -8.72
CA PHE A 167 -9.49 -12.36 -8.71
C PHE A 167 -9.33 -10.85 -8.63
N VAL A 168 -8.70 -10.40 -7.53
CA VAL A 168 -8.52 -8.98 -7.29
C VAL A 168 -7.76 -8.29 -8.40
N THR A 169 -6.72 -8.94 -8.90
CA THR A 169 -5.91 -8.39 -9.98
C THR A 169 -6.75 -8.20 -11.23
N SER A 170 -7.58 -9.20 -11.55
CA SER A 170 -8.49 -9.13 -12.68
C SER A 170 -9.42 -7.92 -12.58
N VAL A 171 -9.98 -7.70 -11.40
CA VAL A 171 -10.82 -6.54 -11.20
C VAL A 171 -10.01 -5.25 -11.33
N LYS A 172 -8.82 -5.20 -10.75
CA LYS A 172 -7.97 -3.99 -10.88
C LYS A 172 -7.34 -3.78 -12.24
N SER A 173 -7.35 -4.80 -13.08
CA SER A 173 -6.83 -4.70 -14.44
C SER A 173 -7.82 -3.96 -15.33
N GLY A 174 -9.07 -3.91 -14.87
CA GLY A 174 -10.17 -3.32 -15.62
C GLY A 174 -10.93 -4.34 -16.46
N SER A 175 -10.79 -5.63 -16.14
CA SER A 175 -11.53 -6.64 -16.87
C SER A 175 -13.04 -6.48 -16.66
N ASP A 176 -13.81 -6.86 -17.68
CA ASP A 176 -15.27 -6.75 -17.68
C ASP A 176 -15.97 -7.82 -16.86
N TYR A 177 -15.21 -8.85 -16.45
CA TYR A 177 -15.79 -10.07 -15.92
C TYR A 177 -14.76 -10.81 -15.04
N ALA A 178 -15.19 -11.20 -13.85
CA ALA A 178 -14.33 -11.86 -12.87
C ALA A 178 -15.19 -12.68 -11.92
N CYS A 179 -14.80 -13.93 -11.68
CA CYS A 179 -15.57 -14.79 -10.77
C CYS A 179 -14.91 -14.98 -9.41
N ALA A 180 -15.72 -14.99 -8.35
CA ALA A 180 -15.29 -15.49 -7.07
C ALA A 180 -16.24 -16.65 -6.68
N PRO A 181 -15.73 -17.64 -5.93
CA PRO A 181 -16.66 -18.66 -5.46
C PRO A 181 -17.44 -18.18 -4.25
N VAL A 182 -18.46 -18.94 -3.87
CA VAL A 182 -19.36 -18.54 -2.80
C VAL A 182 -19.18 -19.52 -1.67
N TYR A 183 -19.20 -19.00 -0.45
CA TYR A 183 -19.07 -19.81 0.72
C TYR A 183 -20.40 -19.84 1.45
N SER A 184 -20.80 -21.00 1.96
CA SER A 184 -22.01 -21.09 2.76
C SER A 184 -21.68 -21.30 4.22
N HIS A 185 -22.13 -20.37 5.08
CA HIS A 185 -22.03 -20.58 6.54
C HIS A 185 -23.04 -21.62 7.03
N LEU A 186 -24.21 -21.63 6.37
CA LEU A 186 -25.21 -22.71 6.52
C LEU A 186 -24.55 -24.11 6.50
N HIS A 187 -24.03 -24.52 5.33
CA HIS A 187 -23.36 -25.82 5.20
C HIS A 187 -21.90 -25.83 5.70
N TYR A 188 -21.38 -24.65 6.06
CA TYR A 188 -20.02 -24.50 6.61
C TYR A 188 -18.95 -24.89 5.56
N ASP A 189 -19.14 -24.40 4.34
CA ASP A 189 -18.31 -24.84 3.25
C ASP A 189 -18.60 -24.04 1.99
N ILE A 190 -17.67 -24.12 1.05
CA ILE A 190 -17.87 -23.61 -0.31
C ILE A 190 -18.99 -24.38 -0.97
N ILE A 191 -19.88 -23.64 -1.62
CA ILE A 191 -20.94 -24.22 -2.43
C ILE A 191 -20.38 -24.52 -3.82
N PRO A 192 -20.41 -25.79 -4.24
CA PRO A 192 -19.81 -26.18 -5.50
C PRO A 192 -20.58 -25.62 -6.68
N GLY A 193 -19.84 -24.99 -7.60
CA GLY A 193 -20.41 -24.37 -8.81
C GLY A 193 -21.22 -23.12 -8.51
N ALA A 194 -21.09 -22.60 -7.29
CA ALA A 194 -21.62 -21.27 -6.98
C ALA A 194 -20.53 -20.28 -7.32
N GLU A 195 -20.93 -19.16 -7.89
CA GLU A 195 -20.00 -18.20 -8.42
C GLU A 195 -20.60 -16.82 -8.28
N GLN A 196 -19.80 -15.85 -7.88
CA GLN A 196 -20.23 -14.45 -7.98
C GLN A 196 -19.46 -13.71 -9.08
N VAL A 197 -20.18 -13.17 -10.04
CA VAL A 197 -19.58 -12.43 -11.13
C VAL A 197 -19.51 -10.97 -10.75
N VAL A 198 -18.38 -10.35 -11.05
CA VAL A 198 -18.22 -8.93 -10.86
C VAL A 198 -17.88 -8.29 -12.21
N ARG A 199 -18.65 -7.27 -12.63
CA ARG A 199 -18.56 -6.74 -14.00
C ARG A 199 -18.15 -5.29 -14.05
N HIS A 200 -16.86 -5.07 -13.80
CA HIS A 200 -16.28 -3.74 -13.72
C HIS A 200 -17.14 -2.71 -12.96
N PRO A 201 -17.38 -2.93 -11.65
CA PRO A 201 -18.13 -1.94 -10.87
C PRO A 201 -17.33 -0.69 -10.72
N ASP A 202 -17.98 0.41 -10.37
CA ASP A 202 -17.29 1.64 -10.03
C ASP A 202 -16.49 1.47 -8.76
N ILE A 203 -17.01 0.70 -7.81
CA ILE A 203 -16.36 0.47 -6.53
C ILE A 203 -16.57 -0.97 -6.19
N LEU A 204 -15.52 -1.67 -5.80
CA LEU A 204 -15.69 -2.98 -5.26
C LEU A 204 -15.26 -2.93 -3.81
N ILE A 205 -16.08 -3.49 -2.95
CA ILE A 205 -15.71 -3.68 -1.56
C ILE A 205 -15.39 -5.13 -1.33
N LEU A 206 -14.25 -5.36 -0.69
CA LEU A 206 -13.78 -6.70 -0.42
C LEU A 206 -13.68 -6.89 1.08
N GLU A 207 -14.61 -7.65 1.64
CA GLU A 207 -14.69 -7.82 3.09
C GLU A 207 -14.09 -9.17 3.42
N GLY A 208 -13.31 -9.22 4.48
CA GLY A 208 -12.66 -10.47 4.88
C GLY A 208 -11.79 -10.13 6.06
N LEU A 209 -11.40 -11.13 6.83
CA LEU A 209 -10.58 -10.86 8.01
C LEU A 209 -9.09 -10.87 7.66
N ASN A 210 -8.80 -11.22 6.41
CA ASN A 210 -7.43 -11.35 5.90
C ASN A 210 -7.02 -10.27 4.89
N VAL A 211 -7.91 -9.34 4.61
CA VAL A 211 -7.71 -8.44 3.46
C VAL A 211 -6.48 -7.54 3.59
N LEU A 212 -6.05 -7.27 4.83
CA LEU A 212 -4.93 -6.42 5.06
C LEU A 212 -3.68 -7.20 5.42
N GLN A 213 -3.75 -8.52 5.35
CA GLN A 213 -2.59 -9.35 5.68
C GLN A 213 -1.52 -9.24 4.63
N THR A 214 -0.28 -9.23 5.11
CA THR A 214 0.95 -9.15 4.32
C THR A 214 1.27 -10.43 3.54
N GLY A 215 1.58 -10.26 2.26
CA GLY A 215 2.26 -11.31 1.51
C GLY A 215 3.72 -10.93 1.42
N PRO A 216 4.61 -11.88 1.09
CA PRO A 216 6.01 -11.51 0.84
C PRO A 216 6.19 -10.77 -0.51
N THR A 217 5.42 -11.18 -1.50
CA THR A 217 5.47 -10.61 -2.84
C THR A 217 4.44 -9.46 -2.97
N LEU A 218 3.77 -9.35 -4.12
CA LEU A 218 2.54 -8.58 -4.22
C LEU A 218 1.48 -9.22 -3.34
N MET A 219 0.54 -8.42 -2.84
CA MET A 219 -0.53 -8.89 -1.94
C MET A 219 -1.81 -8.14 -2.27
N VAL A 220 -2.97 -8.67 -1.87
CA VAL A 220 -4.23 -7.99 -2.23
C VAL A 220 -4.26 -6.53 -1.81
N SER A 221 -3.87 -6.22 -0.57
CA SER A 221 -3.99 -4.86 -0.10
C SER A 221 -3.23 -3.86 -0.96
N ASP A 222 -2.24 -4.33 -1.72
CA ASP A 222 -1.52 -3.47 -2.68
C ASP A 222 -2.44 -2.90 -3.74
N LEU A 223 -3.60 -3.50 -3.92
CA LEU A 223 -4.56 -3.03 -4.93
C LEU A 223 -5.74 -2.20 -4.35
N PHE A 224 -5.67 -1.93 -3.05
CA PHE A 224 -6.73 -1.15 -2.40
C PHE A 224 -6.45 0.32 -2.59
N ASP A 225 -7.52 1.06 -2.87
CA ASP A 225 -7.43 2.48 -2.93
C ASP A 225 -7.72 3.05 -1.56
N PHE A 226 -8.43 2.29 -0.74
CA PHE A 226 -8.85 2.73 0.59
C PHE A 226 -9.05 1.47 1.40
N SER A 227 -8.81 1.51 2.69
CA SER A 227 -9.22 0.36 3.50
C SER A 227 -9.65 0.67 4.95
N LEU A 228 -10.55 -0.17 5.45
CA LEU A 228 -11.18 -0.06 6.74
C LEU A 228 -10.90 -1.17 7.71
N TYR A 229 -10.69 -0.81 8.96
CA TYR A 229 -10.49 -1.81 9.97
C TYR A 229 -11.50 -1.60 11.09
N VAL A 230 -12.41 -2.56 11.25
CA VAL A 230 -13.40 -2.49 12.32
C VAL A 230 -12.82 -3.08 13.60
N ASP A 231 -12.80 -2.27 14.65
CA ASP A 231 -12.04 -2.52 15.87
C ASP A 231 -12.97 -2.49 17.10
N ALA A 232 -12.56 -3.19 18.16
CA ALA A 232 -13.20 -3.07 19.48
C ALA A 232 -12.26 -3.62 20.55
N ARG A 233 -12.59 -3.39 21.82
CA ARG A 233 -11.91 -4.11 22.90
C ARG A 233 -12.09 -5.61 22.70
N ILE A 234 -11.04 -6.37 22.93
CA ILE A 234 -11.08 -7.79 22.64
C ILE A 234 -12.10 -8.58 23.51
N GLU A 235 -12.32 -8.14 24.76
CA GLU A 235 -13.36 -8.74 25.62
C GLU A 235 -14.78 -8.54 25.07
N ASP A 236 -15.07 -7.32 24.61
CA ASP A 236 -16.35 -7.02 23.98
C ASP A 236 -16.64 -7.89 22.78
N ILE A 237 -15.61 -8.19 22.01
CA ILE A 237 -15.81 -8.94 20.78
C ILE A 237 -16.17 -10.36 21.14
N GLU A 238 -15.47 -10.91 22.13
CA GLU A 238 -15.80 -12.22 22.67
C GLU A 238 -17.30 -12.30 23.01
N GLN A 239 -17.78 -11.36 23.81
CA GLN A 239 -19.21 -11.34 24.11
C GLN A 239 -20.09 -11.36 22.85
N TRP A 240 -19.78 -10.56 21.85
CA TRP A 240 -20.61 -10.60 20.67
C TRP A 240 -20.52 -11.98 20.06
N TYR A 241 -19.29 -12.49 19.98
CA TYR A 241 -19.03 -13.83 19.45
C TYR A 241 -19.96 -14.86 20.11
N VAL A 242 -19.98 -14.83 21.44
CA VAL A 242 -20.75 -15.74 22.26
C VAL A 242 -22.27 -15.63 22.00
N SER A 243 -22.80 -14.44 21.77
CA SER A 243 -24.21 -14.29 21.37
C SER A 243 -24.42 -14.83 19.98
N ARG A 244 -23.65 -14.34 19.02
CA ARG A 244 -23.80 -14.80 17.68
C ARG A 244 -23.97 -16.33 17.75
N PHE A 245 -23.13 -16.95 18.58
CA PHE A 245 -23.12 -18.39 18.70
C PHE A 245 -24.45 -18.93 19.27
N LEU A 246 -24.87 -18.39 20.43
CA LEU A 246 -26.18 -18.69 21.05
C LEU A 246 -27.32 -18.53 20.08
N ALA A 247 -27.56 -17.30 19.65
CA ALA A 247 -28.53 -17.01 18.58
C ALA A 247 -28.47 -18.02 17.44
N MET A 248 -27.30 -18.56 17.15
CA MET A 248 -27.20 -19.48 16.05
C MET A 248 -27.89 -20.82 16.35
N ARG A 249 -28.21 -21.05 17.63
CA ARG A 249 -28.88 -22.30 18.03
C ARG A 249 -30.24 -22.41 17.37
N THR A 250 -30.96 -21.29 17.36
CA THR A 250 -32.23 -21.16 16.65
C THR A 250 -32.09 -21.21 15.13
N THR A 251 -31.14 -20.48 14.58
CA THR A 251 -31.06 -20.32 13.13
C THR A 251 -30.20 -21.40 12.50
N ALA A 252 -28.94 -21.10 12.28
CA ALA A 252 -28.03 -21.98 11.56
C ALA A 252 -27.98 -23.40 12.11
N PHE A 253 -27.70 -23.53 13.40
CA PHE A 253 -27.49 -24.84 14.02
C PHE A 253 -28.75 -25.71 14.02
N ALA A 254 -29.91 -25.06 13.91
CA ALA A 254 -31.21 -25.71 14.06
C ALA A 254 -31.58 -26.68 12.92
N ASP A 255 -31.22 -26.35 11.69
CA ASP A 255 -31.41 -27.30 10.58
C ASP A 255 -30.69 -28.60 10.91
N PRO A 256 -31.38 -29.75 10.74
CA PRO A 256 -30.76 -31.07 11.00
C PRO A 256 -29.58 -31.47 10.07
N GLU A 257 -29.46 -30.84 8.90
CA GLU A 257 -28.29 -31.04 8.02
C GLU A 257 -27.04 -30.36 8.60
N SER A 258 -27.19 -29.08 8.98
CA SER A 258 -26.10 -28.24 9.52
C SER A 258 -25.03 -29.00 10.27
N HIS A 259 -23.77 -28.78 9.87
CA HIS A 259 -22.64 -29.50 10.43
C HIS A 259 -22.65 -29.48 11.95
N PHE A 260 -23.35 -28.50 12.52
CA PHE A 260 -23.29 -28.24 13.95
C PHE A 260 -24.62 -28.38 14.69
N HIS A 261 -25.46 -29.27 14.18
CA HIS A 261 -26.79 -29.50 14.73
C HIS A 261 -26.81 -29.78 16.23
N HIS A 262 -25.96 -30.69 16.69
CA HIS A 262 -25.85 -31.01 18.12
C HIS A 262 -25.81 -29.77 19.03
N TYR A 263 -25.38 -28.65 18.46
CA TYR A 263 -25.22 -27.43 19.21
C TYR A 263 -26.55 -26.78 19.56
N ALA A 264 -27.59 -27.07 18.78
CA ALA A 264 -28.95 -26.61 19.09
C ALA A 264 -29.48 -27.00 20.49
N ALA A 265 -29.10 -28.18 20.97
CA ALA A 265 -29.56 -28.67 22.28
C ALA A 265 -28.71 -28.18 23.49
N PHE A 266 -27.70 -27.36 23.24
CA PHE A 266 -26.88 -26.93 24.35
C PHE A 266 -27.64 -25.86 25.06
N SER A 267 -27.78 -26.00 26.37
CA SER A 267 -28.42 -25.00 27.18
C SER A 267 -27.48 -23.82 27.29
N ASP A 268 -28.02 -22.64 27.54
CA ASP A 268 -27.22 -21.43 27.75
C ASP A 268 -25.86 -21.67 28.43
N SER A 269 -25.85 -22.57 29.42
CA SER A 269 -24.62 -22.95 30.13
C SER A 269 -23.60 -23.71 29.29
N GLN A 270 -24.03 -24.76 28.59
CA GLN A 270 -23.10 -25.57 27.79
C GLN A 270 -22.71 -24.86 26.48
N ALA A 271 -23.58 -23.98 26.02
CA ALA A 271 -23.40 -23.22 24.81
C ALA A 271 -22.33 -22.15 25.00
N VAL A 272 -22.32 -21.55 26.18
CA VAL A 272 -21.32 -20.54 26.53
C VAL A 272 -19.95 -21.17 26.63
N VAL A 273 -19.85 -22.20 27.46
CA VAL A 273 -18.66 -23.01 27.53
C VAL A 273 -18.11 -23.25 26.13
N ALA A 274 -18.92 -23.85 25.25
CA ALA A 274 -18.46 -24.18 23.91
C ALA A 274 -17.96 -22.96 23.13
N ALA A 275 -18.72 -21.86 23.18
CA ALA A 275 -18.37 -20.66 22.45
C ALA A 275 -17.03 -20.13 22.91
N ARG A 276 -16.84 -19.97 24.23
CA ARG A 276 -15.58 -19.51 24.78
C ARG A 276 -14.43 -20.42 24.36
N GLU A 277 -14.66 -21.73 24.33
CA GLU A 277 -13.60 -22.63 23.88
C GLU A 277 -13.24 -22.42 22.42
N ILE A 278 -14.21 -22.12 21.57
CA ILE A 278 -13.88 -21.88 20.18
C ILE A 278 -13.20 -20.52 20.05
N TRP A 279 -13.63 -19.59 20.88
CA TRP A 279 -13.02 -18.27 20.92
C TRP A 279 -11.60 -18.40 21.40
N ARG A 280 -11.45 -18.72 22.71
CA ARG A 280 -10.16 -18.82 23.43
C ARG A 280 -9.13 -19.58 22.61
N THR A 281 -9.59 -20.53 21.81
CA THR A 281 -8.66 -21.44 21.17
C THR A 281 -8.56 -21.30 19.65
N ILE A 282 -9.57 -20.74 18.99
CA ILE A 282 -9.39 -20.48 17.57
C ILE A 282 -9.50 -19.01 17.18
N ASN A 283 -10.63 -18.39 17.49
CA ASN A 283 -10.90 -17.09 16.90
C ASN A 283 -10.09 -15.96 17.51
N ARG A 284 -9.93 -16.00 18.83
CA ARG A 284 -9.07 -15.08 19.56
C ARG A 284 -7.57 -15.17 19.15
N PRO A 285 -7.00 -16.38 19.09
CA PRO A 285 -5.63 -16.51 18.59
C PRO A 285 -5.45 -16.05 17.13
N ASN A 286 -6.45 -16.23 16.28
CA ASN A 286 -6.34 -15.80 14.89
C ASN A 286 -6.28 -14.29 14.84
N LEU A 287 -6.91 -13.67 15.83
CA LEU A 287 -7.00 -12.25 15.88
C LEU A 287 -5.71 -11.68 16.40
N VAL A 288 -5.21 -12.22 17.51
CA VAL A 288 -3.98 -11.71 18.11
C VAL A 288 -2.77 -11.87 17.17
N GLU A 289 -2.67 -12.99 16.47
CA GLU A 289 -1.47 -13.24 15.65
C GLU A 289 -1.55 -12.74 14.19
N ASN A 290 -2.76 -12.62 13.63
CA ASN A 290 -2.92 -12.31 12.21
C ASN A 290 -3.77 -11.09 11.81
N ILE A 291 -4.75 -10.71 12.63
CA ILE A 291 -5.65 -9.65 12.23
C ILE A 291 -5.24 -8.34 12.89
N LEU A 292 -5.20 -8.31 14.21
CA LEU A 292 -4.87 -7.10 14.92
C LEU A 292 -3.55 -6.48 14.46
N PRO A 293 -2.51 -7.31 14.20
CA PRO A 293 -1.29 -6.73 13.65
C PRO A 293 -1.54 -5.92 12.36
N THR A 294 -2.55 -6.29 11.56
CA THR A 294 -2.86 -5.56 10.35
C THR A 294 -3.56 -4.20 10.60
N ARG A 295 -4.03 -3.93 11.81
CA ARG A 295 -4.86 -2.74 12.07
C ARG A 295 -4.24 -1.39 11.68
N PRO A 296 -2.94 -1.19 11.95
CA PRO A 296 -2.39 0.09 11.53
C PRO A 296 -2.12 0.20 10.03
N ARG A 297 -2.53 -0.77 9.22
CA ARG A 297 -2.38 -0.61 7.77
C ARG A 297 -3.64 -0.07 7.09
N ALA A 298 -4.66 0.27 7.87
CA ALA A 298 -5.90 0.77 7.27
C ALA A 298 -5.89 2.28 7.17
N THR A 299 -6.51 2.82 6.13
CA THR A 299 -6.71 4.26 5.99
C THR A 299 -7.52 4.77 7.18
N LEU A 300 -8.59 4.04 7.46
CA LEU A 300 -9.53 4.36 8.52
C LEU A 300 -9.73 3.23 9.55
N VAL A 301 -9.51 3.54 10.83
CA VAL A 301 -9.84 2.59 11.90
C VAL A 301 -11.09 3.02 12.68
N LEU A 302 -12.13 2.18 12.65
CA LEU A 302 -13.39 2.40 13.36
C LEU A 302 -13.49 1.55 14.62
N ARG A 303 -13.49 2.18 15.79
CA ARG A 303 -13.57 1.44 17.03
C ARG A 303 -15.00 1.43 17.55
N LYS A 304 -15.44 0.28 18.05
CA LYS A 304 -16.79 0.15 18.60
C LYS A 304 -16.80 0.00 20.10
N ASP A 305 -17.83 0.58 20.72
CA ASP A 305 -18.15 0.38 22.11
C ASP A 305 -18.72 -1.01 22.36
N ALA A 306 -18.71 -1.42 23.61
CA ALA A 306 -19.46 -2.60 24.05
C ALA A 306 -20.87 -2.69 23.42
N ASP A 307 -21.63 -1.60 23.44
CA ASP A 307 -23.02 -1.65 22.97
C ASP A 307 -23.17 -1.55 21.43
N HIS A 308 -22.07 -1.80 20.71
CA HIS A 308 -22.01 -1.76 19.22
C HIS A 308 -21.95 -0.38 18.57
N SER A 309 -21.83 0.66 19.38
CA SER A 309 -21.79 2.02 18.85
C SER A 309 -20.36 2.37 18.50
N ILE A 310 -20.18 3.16 17.45
CA ILE A 310 -18.84 3.66 17.13
C ILE A 310 -18.47 4.74 18.12
N ASN A 311 -17.29 4.61 18.74
CA ASN A 311 -16.79 5.55 19.75
C ASN A 311 -15.45 6.22 19.40
N ARG A 312 -14.92 5.93 18.21
CA ARG A 312 -13.61 6.46 17.84
C ARG A 312 -13.31 6.19 16.39
N LEU A 313 -12.87 7.22 15.68
CA LEU A 313 -12.47 7.12 14.30
C LEU A 313 -11.06 7.68 14.13
N ARG A 314 -10.18 6.91 13.48
CA ARG A 314 -8.84 7.39 13.07
C ARG A 314 -8.70 7.36 11.57
N LEU A 315 -8.64 8.54 10.97
CA LEU A 315 -8.40 8.60 9.55
C LEU A 315 -6.91 8.83 9.32
N ARG A 316 -6.31 8.20 8.30
CA ARG A 316 -4.92 8.55 7.93
C ARG A 316 -4.87 9.96 7.39
N LYS A 317 -4.02 10.80 7.99
CA LYS A 317 -3.90 12.20 7.55
C LYS A 317 -3.59 12.20 6.08
N LEU A 318 -4.29 13.08 5.37
CA LEU A 318 -4.14 13.30 3.95
C LEU A 318 -3.08 14.38 3.66
N PRO B 13 -4.28 -9.13 -20.04
CA PRO B 13 -4.84 -8.07 -19.19
C PRO B 13 -4.12 -7.95 -17.83
N SER B 14 -3.46 -6.81 -17.62
CA SER B 14 -2.64 -6.59 -16.42
C SER B 14 -3.04 -5.26 -15.78
N PRO B 15 -2.59 -5.01 -14.53
CA PRO B 15 -2.97 -3.77 -13.83
C PRO B 15 -2.14 -2.53 -14.18
N TYR B 16 -1.34 -2.60 -15.22
CA TYR B 16 -0.61 -1.41 -15.66
C TYR B 16 -0.76 -1.16 -17.16
N VAL B 17 -0.52 0.07 -17.56
CA VAL B 17 -0.40 0.42 -18.95
C VAL B 17 1.08 0.27 -19.27
N GLU B 18 1.38 -0.20 -20.48
CA GLU B 18 2.76 -0.33 -20.93
C GLU B 18 3.06 0.57 -22.12
N PHE B 19 4.23 1.21 -22.11
CA PHE B 19 4.78 1.95 -23.27
C PHE B 19 6.21 1.53 -23.50
N ASP B 20 6.54 1.10 -24.70
CA ASP B 20 7.94 0.96 -25.04
C ASP B 20 8.44 2.35 -25.38
N ARG B 21 9.73 2.48 -25.70
CA ARG B 21 10.30 3.77 -25.98
C ARG B 21 9.63 4.47 -27.18
N ARG B 22 9.31 3.73 -28.24
CA ARG B 22 8.63 4.30 -29.41
C ARG B 22 7.37 5.05 -29.00
N GLN B 23 6.44 4.28 -28.43
CA GLN B 23 5.13 4.79 -28.04
C GLN B 23 5.18 6.00 -27.14
N TRP B 24 6.27 6.14 -26.40
CA TRP B 24 6.41 7.25 -25.46
C TRP B 24 6.79 8.56 -26.14
N ARG B 25 7.76 8.50 -27.07
CA ARG B 25 8.08 9.66 -27.92
C ARG B 25 6.82 10.02 -28.68
N ALA B 26 6.26 9.00 -29.32
CA ALA B 26 5.08 9.07 -30.21
C ALA B 26 3.74 9.48 -29.54
N LEU B 27 3.78 10.25 -28.46
CA LEU B 27 2.55 10.68 -27.83
C LEU B 27 2.44 12.19 -27.81
N ARG B 28 1.23 12.65 -28.14
CA ARG B 28 0.91 14.07 -28.11
C ARG B 28 0.89 14.52 -26.66
N MET B 29 2.06 14.91 -26.17
CA MET B 29 2.25 15.37 -24.80
C MET B 29 1.73 16.80 -24.69
N SER B 30 0.82 17.03 -23.76
CA SER B 30 0.08 18.29 -23.66
C SER B 30 0.94 19.55 -23.48
N THR B 31 1.90 19.52 -22.54
CA THR B 31 2.53 20.76 -22.07
C THR B 31 3.82 21.18 -22.77
N PRO B 32 3.93 22.47 -23.12
CA PRO B 32 5.24 23.07 -23.36
C PRO B 32 6.08 23.09 -22.07
N LEU B 33 5.79 24.02 -21.15
CA LEU B 33 6.64 24.35 -19.97
C LEU B 33 8.07 23.76 -19.98
N ALA B 34 8.81 24.06 -21.05
CA ALA B 34 10.09 23.43 -21.36
C ALA B 34 11.23 23.88 -20.44
N LEU B 35 12.39 23.23 -20.61
CA LEU B 35 13.56 23.47 -19.78
C LEU B 35 14.39 24.68 -20.19
N THR B 36 14.32 25.70 -19.33
CA THR B 36 15.17 26.88 -19.45
C THR B 36 16.63 26.48 -19.24
N GLU B 37 17.54 27.33 -19.69
CA GLU B 37 18.97 27.05 -19.63
C GLU B 37 19.56 27.16 -18.23
N GLU B 38 18.78 27.75 -17.31
CA GLU B 38 19.13 27.80 -15.89
C GLU B 38 19.04 26.40 -15.27
N GLU B 39 18.03 25.65 -15.70
CA GLU B 39 17.80 24.31 -15.20
C GLU B 39 18.74 23.30 -15.88
N LEU B 40 18.72 23.26 -17.21
CA LEU B 40 19.56 22.36 -18.02
C LEU B 40 21.05 22.32 -17.67
N VAL B 41 21.51 23.30 -16.88
CA VAL B 41 22.89 23.36 -16.39
C VAL B 41 23.03 22.53 -15.12
N GLY B 42 22.29 22.90 -14.08
CA GLY B 42 22.27 22.15 -12.83
C GLY B 42 22.11 20.67 -13.10
N LEU B 43 21.48 20.34 -14.23
CA LEU B 43 21.10 18.97 -14.59
C LEU B 43 22.23 18.10 -15.12
N ARG B 44 23.20 18.71 -15.79
CA ARG B 44 24.37 17.98 -16.30
C ARG B 44 25.24 17.51 -15.13
N GLY B 45 25.29 18.33 -14.07
CA GLY B 45 26.14 18.09 -12.92
C GLY B 45 25.56 17.23 -11.80
N LEU B 46 24.70 16.29 -12.16
CA LEU B 46 24.19 15.27 -11.22
C LEU B 46 23.80 14.02 -11.99
N GLY B 47 23.53 14.21 -13.28
CA GLY B 47 23.27 13.11 -14.20
C GLY B 47 24.56 12.55 -14.79
N GLU B 48 24.79 12.87 -16.06
CA GLU B 48 25.90 12.31 -16.89
C GLU B 48 25.98 10.77 -16.94
N GLN B 49 25.43 10.12 -15.90
CA GLN B 49 24.91 8.75 -16.01
C GLN B 49 23.55 8.80 -16.72
N ILE B 50 23.02 10.03 -16.82
CA ILE B 50 21.79 10.35 -17.56
C ILE B 50 22.01 11.56 -18.50
N ASP B 51 21.66 11.36 -19.77
CA ASP B 51 21.78 12.37 -20.82
C ASP B 51 20.49 13.17 -20.97
N LEU B 52 20.62 14.38 -21.52
CA LEU B 52 19.52 15.33 -21.53
C LEU B 52 18.40 14.95 -22.51
N LEU B 53 18.71 14.10 -23.47
CA LEU B 53 17.68 13.52 -24.30
C LEU B 53 16.66 12.77 -23.43
N GLU B 54 17.18 11.94 -22.52
CA GLU B 54 16.39 11.21 -21.55
C GLU B 54 15.61 12.14 -20.64
N VAL B 55 16.26 13.18 -20.14
CA VAL B 55 15.55 14.11 -19.28
C VAL B 55 14.39 14.75 -20.03
N GLU B 56 14.62 15.11 -21.28
CA GLU B 56 13.58 15.78 -22.04
C GLU B 56 12.48 14.80 -22.46
N GLU B 57 12.86 13.70 -23.10
CA GLU B 57 11.88 12.73 -23.63
C GLU B 57 11.21 11.84 -22.58
N VAL B 58 11.85 11.63 -21.44
CA VAL B 58 11.34 10.68 -20.45
C VAL B 58 11.00 11.29 -19.09
N TYR B 59 11.97 11.92 -18.44
CA TYR B 59 11.83 12.28 -17.05
C TYR B 59 10.93 13.46 -16.79
N LEU B 60 10.94 14.41 -17.70
CA LEU B 60 10.05 15.57 -17.62
C LEU B 60 8.57 15.16 -17.65
N PRO B 61 8.15 14.42 -18.71
CA PRO B 61 6.79 13.88 -18.72
C PRO B 61 6.44 13.18 -17.40
N LEU B 62 7.26 12.20 -17.01
CA LEU B 62 7.11 11.54 -15.72
C LEU B 62 6.87 12.52 -14.61
N ALA B 63 7.70 13.54 -14.53
CA ALA B 63 7.59 14.47 -13.42
C ALA B 63 6.22 15.09 -13.44
N ARG B 64 5.66 15.30 -14.64
CA ARG B 64 4.39 15.96 -14.71
C ARG B 64 3.30 14.97 -14.37
N LEU B 65 3.44 13.75 -14.87
CA LEU B 65 2.54 12.69 -14.50
C LEU B 65 2.43 12.61 -12.98
N ILE B 66 3.57 12.65 -12.30
CA ILE B 66 3.65 12.63 -10.85
C ILE B 66 3.08 13.91 -10.24
N HIS B 67 3.37 15.03 -10.90
CA HIS B 67 2.81 16.29 -10.45
C HIS B 67 1.29 16.23 -10.38
N LEU B 68 0.69 15.47 -11.31
CA LEU B 68 -0.74 15.39 -11.38
C LEU B 68 -1.28 14.77 -10.10
N GLN B 69 -0.58 13.75 -9.59
CA GLN B 69 -1.02 13.01 -8.44
C GLN B 69 -0.84 13.79 -7.15
N VAL B 70 0.28 14.49 -7.05
CA VAL B 70 0.59 15.30 -5.89
C VAL B 70 -0.47 16.38 -5.84
N ALA B 71 -0.80 16.93 -7.02
CA ALA B 71 -1.76 18.01 -7.11
C ALA B 71 -3.11 17.51 -6.67
N ALA B 72 -3.44 16.27 -7.07
CA ALA B 72 -4.73 15.66 -6.73
C ALA B 72 -4.82 15.37 -5.24
N ARG B 73 -3.73 14.87 -4.67
CA ARG B 73 -3.70 14.64 -3.22
C ARG B 73 -3.78 15.97 -2.42
N GLN B 74 -3.34 17.07 -3.03
CA GLN B 74 -3.50 18.41 -2.44
C GLN B 74 -4.96 18.92 -2.46
N ARG B 75 -5.64 18.75 -3.59
CA ARG B 75 -7.04 19.14 -3.68
C ARG B 75 -7.91 18.30 -2.73
N LEU B 76 -7.67 16.97 -2.72
CA LEU B 76 -8.43 16.07 -1.87
C LEU B 76 -8.17 16.36 -0.41
N PHE B 77 -6.95 16.75 -0.09
CA PHE B 77 -6.69 17.14 1.28
C PHE B 77 -7.68 18.23 1.66
N ALA B 78 -7.75 19.26 0.82
CA ALA B 78 -8.57 20.44 1.04
C ALA B 78 -10.09 20.17 1.01
N ALA B 79 -10.56 19.51 -0.05
CA ALA B 79 -11.95 19.08 -0.14
C ALA B 79 -12.37 18.32 1.10
N THR B 80 -11.45 17.53 1.66
CA THR B 80 -11.76 16.78 2.87
C THR B 80 -11.81 17.71 4.06
N ALA B 81 -10.79 18.55 4.23
CA ALA B 81 -10.76 19.53 5.34
C ALA B 81 -12.01 20.40 5.37
N GLU B 82 -12.42 20.90 4.21
CA GLU B 82 -13.61 21.70 4.14
C GLU B 82 -14.79 20.87 4.55
N PHE B 83 -14.89 19.64 4.04
CA PHE B 83 -16.02 18.81 4.38
C PHE B 83 -16.20 18.62 5.89
N LEU B 84 -15.09 18.48 6.59
CA LEU B 84 -15.12 18.26 8.02
C LEU B 84 -15.33 19.53 8.80
N GLY B 85 -15.51 20.66 8.10
CA GLY B 85 -15.52 21.99 8.73
C GLY B 85 -14.19 22.33 9.39
N GLU B 86 -13.09 22.07 8.67
CA GLU B 86 -11.69 22.21 9.14
C GLU B 86 -11.50 22.28 10.66
N PRO B 87 -11.72 21.13 11.33
CA PRO B 87 -11.68 21.03 12.77
C PRO B 87 -10.28 21.20 13.34
N GLN B 88 -10.24 21.49 14.64
CA GLN B 88 -9.02 21.65 15.39
C GLN B 88 -7.97 20.56 15.11
N GLN B 89 -8.35 19.29 15.24
CA GLN B 89 -7.36 18.20 15.17
C GLN B 89 -6.81 17.85 13.78
N ASN B 90 -7.52 18.27 12.73
CA ASN B 90 -6.97 18.21 11.39
C ASN B 90 -5.75 19.15 11.22
N PRO B 91 -4.63 18.64 10.65
CA PRO B 91 -3.50 19.54 10.33
C PRO B 91 -3.88 20.67 9.35
N ASP B 92 -3.01 21.67 9.24
CA ASP B 92 -3.32 22.93 8.55
C ASP B 92 -3.00 22.85 7.05
N ARG B 93 -2.16 21.89 6.70
CA ARG B 93 -1.64 21.75 5.34
C ARG B 93 -1.51 20.25 5.03
N PRO B 94 -1.55 19.87 3.74
CA PRO B 94 -1.33 18.45 3.42
C PRO B 94 -0.01 17.96 3.99
N VAL B 95 0.07 16.66 4.30
CA VAL B 95 1.33 16.07 4.76
C VAL B 95 2.23 15.81 3.54
N PRO B 96 3.52 15.56 3.75
CA PRO B 96 4.34 15.33 2.57
C PRO B 96 3.86 14.19 1.65
N PHE B 97 4.10 14.33 0.37
CA PHE B 97 3.80 13.28 -0.59
C PHE B 97 5.09 12.49 -0.80
N ILE B 98 5.10 11.26 -0.29
CA ILE B 98 6.30 10.44 -0.27
C ILE B 98 6.40 9.55 -1.51
N ILE B 99 7.54 9.67 -2.20
CA ILE B 99 7.83 8.81 -3.33
C ILE B 99 8.98 7.89 -3.03
N GLY B 100 8.75 6.61 -3.28
CA GLY B 100 9.77 5.59 -3.11
C GLY B 100 10.45 5.31 -4.44
N VAL B 101 11.76 5.02 -4.38
CA VAL B 101 12.53 4.68 -5.56
C VAL B 101 13.35 3.42 -5.28
N ALA B 102 13.10 2.33 -6.00
CA ALA B 102 13.79 1.09 -5.74
C ALA B 102 14.49 0.53 -6.97
N GLY B 103 15.37 -0.44 -6.72
CA GLY B 103 16.11 -1.17 -7.75
C GLY B 103 17.41 -1.75 -7.20
N SER B 104 18.12 -2.49 -8.04
CA SER B 104 19.43 -3.02 -7.64
C SER B 104 20.44 -1.94 -7.44
N VAL B 105 21.42 -2.21 -6.59
CA VAL B 105 22.66 -1.44 -6.50
C VAL B 105 23.17 -1.24 -7.94
N ALA B 106 23.62 -0.02 -8.27
CA ALA B 106 24.25 0.26 -9.60
C ALA B 106 23.29 0.44 -10.79
N VAL B 107 21.99 0.39 -10.51
CA VAL B 107 20.95 0.54 -11.53
C VAL B 107 20.65 2.02 -11.83
N GLY B 108 21.06 2.93 -10.94
CA GLY B 108 20.83 4.36 -11.17
C GLY B 108 19.77 5.03 -10.30
N LYS B 109 19.39 4.37 -9.20
CA LYS B 109 18.38 4.90 -8.33
C LYS B 109 18.74 6.31 -8.00
N SER B 110 19.99 6.50 -7.62
CA SER B 110 20.41 7.76 -7.06
C SER B 110 20.27 8.95 -8.02
N THR B 111 20.65 8.72 -9.26
CA THR B 111 20.52 9.72 -10.28
C THR B 111 19.03 10.04 -10.51
N THR B 112 18.23 9.01 -10.70
CA THR B 112 16.83 9.16 -10.96
C THR B 112 16.16 9.98 -9.88
N ALA B 113 16.47 9.66 -8.63
CA ALA B 113 16.02 10.44 -7.51
C ALA B 113 16.46 11.90 -7.64
N ARG B 114 17.75 12.13 -7.87
CA ARG B 114 18.25 13.50 -8.00
C ARG B 114 17.58 14.27 -9.13
N VAL B 115 17.31 13.60 -10.25
CA VAL B 115 16.63 14.24 -11.36
C VAL B 115 15.19 14.60 -11.02
N LEU B 116 14.41 13.62 -10.56
CA LEU B 116 13.04 13.87 -10.14
C LEU B 116 12.95 14.99 -9.13
N GLN B 117 13.86 14.99 -8.16
CA GLN B 117 13.83 16.02 -7.14
C GLN B 117 13.91 17.37 -7.82
N ALA B 118 14.82 17.47 -8.78
CA ALA B 118 15.08 18.71 -9.53
C ALA B 118 13.87 19.15 -10.36
N LEU B 119 13.32 18.20 -11.14
CA LEU B 119 12.16 18.48 -11.93
C LEU B 119 10.88 18.72 -11.09
N LEU B 120 10.58 17.85 -10.14
CA LEU B 120 9.38 18.02 -9.33
C LEU B 120 9.35 19.38 -8.64
N ALA B 121 10.52 19.89 -8.25
CA ALA B 121 10.55 21.17 -7.51
C ALA B 121 10.31 22.38 -8.43
N ARG B 122 10.12 22.14 -9.73
CA ARG B 122 9.79 23.26 -10.62
C ARG B 122 8.37 23.82 -10.48
N TRP B 123 7.42 23.03 -9.97
CA TRP B 123 6.06 23.54 -9.80
C TRP B 123 5.88 24.25 -8.48
N ASP B 124 5.04 25.30 -8.47
CA ASP B 124 4.81 26.17 -7.30
C ASP B 124 3.90 25.50 -6.27
N HIS B 125 3.13 24.51 -6.74
CA HIS B 125 2.30 23.68 -5.88
C HIS B 125 3.16 22.96 -4.84
N HIS B 126 4.36 22.53 -5.28
CA HIS B 126 5.26 21.73 -4.46
C HIS B 126 6.74 22.00 -4.76
N PRO B 127 7.23 23.17 -4.30
CA PRO B 127 8.62 23.60 -4.56
C PRO B 127 9.64 22.99 -3.63
N ARG B 128 9.20 22.52 -2.47
CA ARG B 128 10.14 21.91 -1.51
C ARG B 128 10.16 20.38 -1.65
N VAL B 129 11.17 19.88 -2.35
CA VAL B 129 11.32 18.45 -2.50
C VAL B 129 12.59 17.96 -1.82
N ASP B 130 12.41 17.15 -0.79
CA ASP B 130 13.53 16.51 -0.13
C ASP B 130 13.88 15.17 -0.69
N LEU B 131 15.07 14.70 -0.35
CA LEU B 131 15.54 13.41 -0.80
C LEU B 131 16.32 12.76 0.31
N VAL B 132 16.04 11.49 0.57
CA VAL B 132 16.71 10.73 1.62
C VAL B 132 17.01 9.33 1.13
N THR B 133 18.21 8.86 1.46
CA THR B 133 18.62 7.53 1.06
C THR B 133 18.42 6.60 2.25
N THR B 134 17.99 5.37 2.00
CA THR B 134 17.77 4.43 3.10
C THR B 134 19.10 3.90 3.58
N ASP B 135 20.17 4.29 2.88
CA ASP B 135 21.55 3.95 3.25
C ASP B 135 21.85 4.36 4.67
N GLY B 136 21.29 5.49 5.09
CA GLY B 136 21.57 6.01 6.41
C GLY B 136 20.91 5.19 7.51
N PHE B 137 20.22 4.12 7.11
CA PHE B 137 19.51 3.30 8.07
C PHE B 137 20.09 1.93 8.18
N LEU B 138 21.28 1.76 7.63
CA LEU B 138 22.03 0.54 7.87
C LEU B 138 22.52 0.57 9.33
N TYR B 139 22.68 -0.58 9.96
CA TYR B 139 23.35 -0.59 11.25
C TYR B 139 24.82 -0.15 11.07
N PRO B 140 25.37 0.59 12.04
CA PRO B 140 26.79 0.91 11.91
C PRO B 140 27.59 -0.36 11.95
N ASN B 141 28.71 -0.38 11.24
CA ASN B 141 29.56 -1.56 11.20
C ASN B 141 29.78 -2.19 12.58
N ALA B 142 29.97 -1.34 13.58
CA ALA B 142 29.98 -1.76 14.99
C ALA B 142 28.86 -2.80 15.23
N GLU B 143 27.62 -2.34 15.07
CA GLU B 143 26.42 -3.16 15.29
C GLU B 143 26.28 -4.37 14.35
N LEU B 144 26.64 -4.19 13.08
CA LEU B 144 26.61 -5.28 12.11
C LEU B 144 27.58 -6.36 12.53
N GLN B 145 28.69 -5.93 13.13
CA GLN B 145 29.64 -6.87 13.69
C GLN B 145 29.00 -7.50 14.91
N ARG B 146 28.48 -6.69 15.81
CA ARG B 146 27.84 -7.21 17.01
C ARG B 146 26.79 -8.28 16.70
N ARG B 147 26.03 -8.11 15.63
CA ARG B 147 24.98 -9.07 15.27
C ARG B 147 25.43 -10.07 14.22
N ASN B 148 26.74 -10.08 13.95
CA ASN B 148 27.35 -10.97 12.96
C ASN B 148 26.69 -10.93 11.57
N LEU B 149 26.58 -9.72 11.03
CA LEU B 149 25.88 -9.49 9.77
C LEU B 149 26.65 -8.71 8.70
N MET B 150 27.94 -8.47 8.95
CA MET B 150 28.77 -7.80 7.95
C MET B 150 28.60 -8.39 6.55
N HIS B 151 28.68 -9.72 6.44
CA HIS B 151 28.56 -10.38 5.14
C HIS B 151 27.19 -10.12 4.55
N ARG B 152 26.37 -9.39 5.29
CA ARG B 152 24.99 -9.26 4.96
C ARG B 152 24.60 -7.81 4.72
N LYS B 153 25.58 -6.92 4.68
CA LYS B 153 25.28 -5.50 4.44
C LYS B 153 24.46 -5.39 3.16
N GLY B 154 23.32 -4.69 3.26
CA GLY B 154 22.45 -4.40 2.13
C GLY B 154 21.28 -5.33 2.00
N PHE B 155 21.22 -6.33 2.87
CA PHE B 155 20.09 -7.22 2.88
C PHE B 155 19.15 -6.62 3.92
N PRO B 156 17.89 -7.05 3.93
CA PRO B 156 16.84 -6.45 4.75
C PRO B 156 17.25 -6.25 6.21
N GLU B 157 17.86 -7.28 6.78
CA GLU B 157 18.14 -7.30 8.19
C GLU B 157 19.34 -6.47 8.55
N SER B 158 19.99 -5.87 7.57
CA SER B 158 21.15 -5.06 7.87
C SER B 158 20.75 -3.64 8.19
N TYR B 159 19.46 -3.35 8.00
CA TYR B 159 18.94 -2.04 8.33
C TYR B 159 18.23 -2.08 9.64
N ASN B 160 18.32 -0.96 10.36
CA ASN B 160 17.40 -0.72 11.47
C ASN B 160 16.02 -0.41 10.92
N ARG B 161 15.21 -1.44 10.76
CA ARG B 161 13.88 -1.29 10.17
C ARG B 161 12.98 -0.45 11.05
N ARG B 162 13.17 -0.60 12.35
CA ARG B 162 12.34 0.05 13.33
C ARG B 162 12.57 1.58 13.25
N ALA B 163 13.83 1.99 13.18
CA ALA B 163 14.15 3.41 13.09
C ALA B 163 13.64 4.01 11.77
N LEU B 164 13.74 3.23 10.70
CA LEU B 164 13.34 3.66 9.37
C LEU B 164 11.86 3.89 9.37
N MET B 165 11.13 2.90 9.87
CA MET B 165 9.70 3.03 10.10
C MET B 165 9.37 4.26 10.93
N ARG B 166 10.08 4.45 12.05
CA ARG B 166 9.88 5.61 12.92
C ARG B 166 10.05 6.91 12.14
N PHE B 167 11.03 6.92 11.24
CA PHE B 167 11.34 8.09 10.43
C PHE B 167 10.22 8.44 9.47
N VAL B 168 9.85 7.48 8.65
CA VAL B 168 8.85 7.73 7.63
C VAL B 168 7.50 8.08 8.24
N THR B 169 7.17 7.43 9.34
CA THR B 169 5.95 7.68 10.07
C THR B 169 5.95 9.10 10.59
N SER B 170 7.06 9.50 11.19
CA SER B 170 7.26 10.85 11.62
C SER B 170 7.01 11.86 10.48
N VAL B 171 7.52 11.56 9.29
CA VAL B 171 7.28 12.45 8.17
C VAL B 171 5.81 12.51 7.77
N LYS B 172 5.13 11.37 7.72
CA LYS B 172 3.71 11.36 7.37
C LYS B 172 2.77 11.80 8.48
N SER B 173 3.30 11.98 9.69
CA SER B 173 2.54 12.59 10.77
C SER B 173 2.48 14.11 10.68
N GLY B 174 3.22 14.68 9.73
CA GLY B 174 3.31 16.12 9.56
C GLY B 174 4.23 16.76 10.58
N SER B 175 5.21 16.02 11.07
CA SER B 175 6.31 16.63 11.84
C SER B 175 6.88 17.76 11.03
N ASP B 176 7.32 18.79 11.75
CA ASP B 176 8.12 19.88 11.17
C ASP B 176 9.59 19.53 11.25
N TYR B 177 9.90 18.37 11.82
CA TYR B 177 11.25 17.99 12.16
C TYR B 177 11.42 16.47 12.27
N ALA B 178 12.18 15.89 11.35
CA ALA B 178 12.49 14.47 11.38
C ALA B 178 13.95 14.24 10.99
N CYS B 179 14.63 13.37 11.73
CA CYS B 179 16.07 13.18 11.57
C CYS B 179 16.41 11.80 11.03
N ALA B 180 17.24 11.79 10.01
CA ALA B 180 17.80 10.52 9.54
C ALA B 180 19.33 10.60 9.61
N PRO B 181 19.98 9.48 10.00
CA PRO B 181 21.42 9.36 10.06
C PRO B 181 22.03 9.27 8.68
N VAL B 182 23.32 9.57 8.57
CA VAL B 182 24.01 9.62 7.29
C VAL B 182 24.98 8.47 7.17
N TYR B 183 25.06 7.92 5.97
CA TYR B 183 25.98 6.84 5.66
C TYR B 183 27.00 7.38 4.70
N SER B 184 28.27 7.12 4.98
CA SER B 184 29.38 7.50 4.13
C SER B 184 29.81 6.28 3.36
N HIS B 185 29.75 6.37 2.04
CA HIS B 185 30.19 5.28 1.17
C HIS B 185 31.70 5.09 1.16
N LEU B 186 32.39 6.22 1.12
CA LEU B 186 33.82 6.29 1.29
C LEU B 186 34.27 5.49 2.51
N HIS B 187 33.77 5.85 3.70
CA HIS B 187 34.21 5.18 4.93
C HIS B 187 33.55 3.80 5.17
N TYR B 188 32.61 3.43 4.29
CA TYR B 188 31.82 2.18 4.39
C TYR B 188 31.08 2.03 5.73
N ASP B 189 30.46 3.10 6.19
CA ASP B 189 29.84 3.08 7.50
C ASP B 189 28.96 4.31 7.68
N ILE B 190 28.14 4.26 8.73
CA ILE B 190 27.39 5.40 9.19
C ILE B 190 28.41 6.43 9.67
N ILE B 191 28.30 7.66 9.19
CA ILE B 191 29.02 8.78 9.81
C ILE B 191 28.38 9.02 11.18
N PRO B 192 29.14 8.79 12.26
CA PRO B 192 28.61 8.99 13.61
C PRO B 192 28.32 10.47 13.86
N GLY B 193 27.19 10.74 14.52
CA GLY B 193 26.79 12.11 14.88
C GLY B 193 26.17 12.94 13.77
N ALA B 194 26.37 12.56 12.52
CA ALA B 194 25.82 13.31 11.39
C ALA B 194 24.35 12.97 11.18
N GLU B 195 23.54 14.00 10.93
CA GLU B 195 22.11 13.82 10.74
C GLU B 195 21.54 14.65 9.59
N GLN B 196 20.66 14.06 8.81
CA GLN B 196 19.87 14.84 7.85
C GLN B 196 18.55 15.26 8.50
N VAL B 197 18.29 16.55 8.48
CA VAL B 197 17.02 17.03 8.97
C VAL B 197 16.05 17.21 7.80
N VAL B 198 14.80 16.84 8.02
CA VAL B 198 13.76 17.07 7.02
C VAL B 198 12.63 17.83 7.68
N ARG B 199 12.30 18.99 7.14
CA ARG B 199 11.36 19.90 7.81
C ARG B 199 10.11 20.07 6.98
N HIS B 200 9.22 19.10 7.10
CA HIS B 200 7.96 19.06 6.38
C HIS B 200 8.03 19.48 4.89
N PRO B 201 8.79 18.76 4.07
CA PRO B 201 8.75 19.10 2.64
C PRO B 201 7.39 18.87 2.02
N ASP B 202 7.20 19.38 0.82
CA ASP B 202 5.99 19.08 0.07
C ASP B 202 6.08 17.65 -0.45
N ILE B 203 7.29 17.23 -0.81
CA ILE B 203 7.52 15.90 -1.34
C ILE B 203 8.79 15.39 -0.70
N LEU B 204 8.73 14.19 -0.16
CA LEU B 204 9.92 13.49 0.20
C LEU B 204 10.13 12.33 -0.75
N ILE B 205 11.30 12.32 -1.39
CA ILE B 205 11.73 11.15 -2.12
C ILE B 205 12.62 10.29 -1.21
N LEU B 206 12.24 9.03 -1.07
CA LEU B 206 13.02 8.06 -0.33
C LEU B 206 13.59 7.00 -1.29
N GLU B 207 14.91 6.87 -1.31
CA GLU B 207 15.56 5.98 -2.26
C GLU B 207 16.30 4.89 -1.49
N GLY B 208 16.33 3.69 -2.03
CA GLY B 208 17.07 2.60 -1.44
C GLY B 208 16.69 1.24 -2.00
N LEU B 209 17.58 0.27 -1.82
CA LEU B 209 17.35 -1.11 -2.25
C LEU B 209 16.06 -1.70 -1.69
N ASN B 210 15.70 -1.25 -0.49
CA ASN B 210 14.71 -1.96 0.32
C ASN B 210 13.35 -1.31 0.46
N VAL B 211 13.06 -0.23 -0.26
CA VAL B 211 11.88 0.60 0.06
C VAL B 211 10.54 -0.06 -0.24
N LEU B 212 10.54 -1.03 -1.15
CA LEU B 212 9.34 -1.77 -1.48
C LEU B 212 9.33 -3.17 -0.90
N GLN B 213 10.20 -3.44 0.06
CA GLN B 213 10.18 -4.75 0.72
C GLN B 213 9.11 -4.83 1.80
N THR B 214 8.76 -6.07 2.07
CA THR B 214 7.53 -6.47 2.71
C THR B 214 7.74 -6.96 4.13
N GLY B 215 7.39 -6.12 5.10
CA GLY B 215 7.47 -6.48 6.51
C GLY B 215 6.27 -7.33 6.92
N PRO B 216 6.29 -7.86 8.16
CA PRO B 216 5.15 -8.63 8.64
C PRO B 216 3.96 -7.73 8.92
N THR B 217 4.21 -6.64 9.63
CA THR B 217 3.18 -5.70 10.07
C THR B 217 3.10 -4.52 9.09
N LEU B 218 2.96 -3.30 9.59
CA LEU B 218 3.13 -2.10 8.77
C LEU B 218 4.59 -2.09 8.27
N MET B 219 4.77 -1.57 7.06
CA MET B 219 6.06 -1.48 6.40
C MET B 219 6.17 -0.10 5.80
N VAL B 220 7.38 0.35 5.49
CA VAL B 220 7.53 1.72 4.93
C VAL B 220 6.69 1.97 3.68
N SER B 221 6.64 1.00 2.75
CA SER B 221 5.89 1.24 1.53
C SER B 221 4.39 1.58 1.72
N ASP B 222 3.84 1.27 2.91
CA ASP B 222 2.46 1.61 3.27
C ASP B 222 2.23 3.11 3.37
N LEU B 223 3.32 3.87 3.55
CA LEU B 223 3.22 5.32 3.63
C LEU B 223 3.67 6.03 2.33
N PHE B 224 3.72 5.27 1.24
CA PHE B 224 4.10 5.86 -0.03
C PHE B 224 2.87 6.25 -0.83
N ASP B 225 2.93 7.42 -1.44
CA ASP B 225 1.86 7.88 -2.30
C ASP B 225 2.12 7.44 -3.73
N PHE B 226 3.39 7.30 -4.08
CA PHE B 226 3.81 6.89 -5.39
C PHE B 226 5.15 6.22 -5.17
N SER B 227 5.41 5.19 -5.95
CA SER B 227 6.69 4.54 -5.88
C SER B 227 7.12 4.10 -7.27
N LEU B 228 8.42 4.17 -7.48
CA LEU B 228 9.05 3.93 -8.78
C LEU B 228 10.12 2.87 -8.64
N TYR B 229 10.15 1.96 -9.58
CA TYR B 229 11.15 0.89 -9.57
C TYR B 229 12.03 0.92 -10.83
N VAL B 230 13.34 1.05 -10.63
CA VAL B 230 14.27 1.07 -11.75
C VAL B 230 14.82 -0.32 -12.10
N ASP B 231 14.49 -0.78 -13.30
CA ASP B 231 14.68 -2.16 -13.74
C ASP B 231 15.69 -2.17 -14.87
N ALA B 232 16.44 -3.26 -14.97
CA ALA B 232 17.30 -3.50 -16.12
C ALA B 232 17.46 -4.98 -16.29
N ARG B 233 18.15 -5.40 -17.35
CA ARG B 233 18.53 -6.80 -17.49
C ARG B 233 19.65 -7.07 -16.49
N ILE B 234 19.60 -8.23 -15.86
CA ILE B 234 20.57 -8.62 -14.86
C ILE B 234 22.05 -8.61 -15.36
N GLU B 235 22.31 -9.03 -16.59
CA GLU B 235 23.65 -8.92 -17.19
C GLU B 235 24.13 -7.47 -17.23
N ASP B 236 23.25 -6.57 -17.69
CA ASP B 236 23.52 -5.15 -17.81
C ASP B 236 23.86 -4.47 -16.50
N ILE B 237 23.21 -4.88 -15.43
CA ILE B 237 23.51 -4.30 -14.14
C ILE B 237 24.88 -4.80 -13.67
N GLU B 238 25.23 -6.03 -14.04
CA GLU B 238 26.55 -6.55 -13.75
C GLU B 238 27.55 -5.64 -14.44
N GLN B 239 27.36 -5.45 -15.73
CA GLN B 239 28.20 -4.57 -16.50
C GLN B 239 28.33 -3.18 -15.86
N TRP B 240 27.24 -2.60 -15.38
CA TRP B 240 27.32 -1.28 -14.76
C TRP B 240 28.01 -1.33 -13.42
N TYR B 241 27.84 -2.45 -12.72
CA TYR B 241 28.39 -2.62 -11.40
C TYR B 241 29.92 -2.66 -11.45
N VAL B 242 30.42 -3.43 -12.42
CA VAL B 242 31.85 -3.63 -12.62
C VAL B 242 32.51 -2.32 -13.00
N SER B 243 31.93 -1.64 -13.98
CA SER B 243 32.43 -0.35 -14.44
C SER B 243 32.48 0.63 -13.29
N ARG B 244 31.48 0.60 -12.42
CA ARG B 244 31.51 1.51 -11.29
C ARG B 244 32.65 1.13 -10.34
N PHE B 245 32.87 -0.18 -10.17
CA PHE B 245 33.88 -0.65 -9.24
C PHE B 245 35.25 -0.19 -9.72
N LEU B 246 35.61 -0.55 -10.95
CA LEU B 246 36.90 -0.17 -11.51
C LEU B 246 37.16 1.31 -11.26
N ALA B 247 36.17 2.12 -11.62
CA ALA B 247 36.24 3.54 -11.54
C ALA B 247 36.53 4.03 -10.14
N MET B 248 36.08 3.27 -9.15
CA MET B 248 36.24 3.69 -7.76
C MET B 248 37.68 3.60 -7.28
N ARG B 249 38.46 2.74 -7.94
CA ARG B 249 39.89 2.62 -7.65
C ARG B 249 40.57 3.98 -7.64
N THR B 250 40.46 4.71 -8.74
CA THR B 250 41.09 6.02 -8.86
C THR B 250 40.39 7.11 -8.04
N THR B 251 39.10 6.92 -7.75
CA THR B 251 38.37 7.89 -6.93
C THR B 251 38.29 7.43 -5.47
N ALA B 252 37.11 6.96 -5.07
CA ALA B 252 36.83 6.49 -3.71
C ALA B 252 37.94 5.63 -3.09
N PHE B 253 38.26 4.49 -3.71
CA PHE B 253 39.23 3.52 -3.16
C PHE B 253 40.65 4.07 -2.96
N ALA B 254 41.03 5.01 -3.84
CA ALA B 254 42.33 5.70 -3.79
C ALA B 254 42.62 6.32 -2.42
N ASP B 255 41.59 6.93 -1.84
CA ASP B 255 41.67 7.50 -0.50
C ASP B 255 42.20 6.45 0.48
N PRO B 256 43.21 6.84 1.27
CA PRO B 256 43.78 6.00 2.35
C PRO B 256 42.78 5.66 3.45
N GLU B 257 41.73 6.47 3.58
CA GLU B 257 40.70 6.27 4.61
C GLU B 257 39.59 5.32 4.16
N SER B 258 39.56 5.01 2.87
CA SER B 258 38.60 4.03 2.35
C SER B 258 38.78 2.67 3.01
N HIS B 259 37.69 2.10 3.48
CA HIS B 259 37.71 0.74 4.01
C HIS B 259 38.30 -0.22 2.98
N PHE B 260 38.14 0.14 1.71
CA PHE B 260 38.53 -0.70 0.58
C PHE B 260 39.76 -0.22 -0.15
N HIS B 261 40.64 0.46 0.56
CA HIS B 261 41.87 0.95 -0.02
C HIS B 261 42.63 -0.15 -0.75
N HIS B 262 42.70 -1.34 -0.15
CA HIS B 262 43.45 -2.46 -0.72
C HIS B 262 42.90 -2.91 -2.08
N TYR B 263 41.78 -2.35 -2.48
CA TYR B 263 41.27 -2.54 -3.84
C TYR B 263 41.88 -1.57 -4.84
N ALA B 264 42.45 -0.45 -4.36
CA ALA B 264 43.08 0.56 -5.22
C ALA B 264 44.19 -0.03 -6.09
N ALA B 265 45.04 -0.84 -5.46
CA ALA B 265 46.20 -1.44 -6.10
C ALA B 265 45.86 -2.50 -7.17
N PHE B 266 44.60 -2.84 -7.35
CA PHE B 266 44.23 -3.89 -8.30
C PHE B 266 44.40 -3.42 -9.72
N SER B 267 45.02 -4.27 -10.54
CA SER B 267 45.07 -4.06 -11.97
C SER B 267 43.64 -4.15 -12.48
N ASP B 268 43.34 -3.49 -13.59
CA ASP B 268 42.04 -3.62 -14.26
C ASP B 268 41.49 -5.05 -14.21
N SER B 269 42.21 -5.98 -14.83
CA SER B 269 41.70 -7.33 -14.97
C SER B 269 41.53 -8.01 -13.61
N GLN B 270 42.39 -7.66 -12.67
CA GLN B 270 42.24 -8.22 -11.34
C GLN B 270 41.00 -7.62 -10.63
N ALA B 271 40.77 -6.34 -10.83
CA ALA B 271 39.60 -5.67 -10.29
C ALA B 271 38.30 -6.23 -10.90
N VAL B 272 38.32 -6.52 -12.20
CA VAL B 272 37.22 -7.18 -12.88
C VAL B 272 36.86 -8.50 -12.22
N VAL B 273 37.87 -9.29 -11.88
CA VAL B 273 37.63 -10.53 -11.16
C VAL B 273 36.90 -10.20 -9.86
N ALA B 274 37.52 -9.38 -9.00
CA ALA B 274 36.98 -9.11 -7.67
C ALA B 274 35.53 -8.64 -7.73
N ALA B 275 35.27 -7.74 -8.67
CA ALA B 275 33.96 -7.16 -8.86
C ALA B 275 32.95 -8.25 -9.18
N ARG B 276 33.26 -9.10 -10.17
CA ARG B 276 32.32 -10.15 -10.57
C ARG B 276 32.10 -11.13 -9.42
N GLU B 277 33.08 -11.22 -8.53
CA GLU B 277 32.92 -12.02 -7.35
C GLU B 277 32.00 -11.40 -6.35
N ILE B 278 32.14 -10.10 -6.13
CA ILE B 278 31.29 -9.43 -5.18
C ILE B 278 29.89 -9.39 -5.75
N TRP B 279 29.77 -9.09 -7.03
CA TRP B 279 28.48 -9.20 -7.67
C TRP B 279 27.85 -10.59 -7.49
N ARG B 280 28.53 -11.66 -7.94
CA ARG B 280 27.95 -13.01 -8.03
C ARG B 280 27.61 -13.60 -6.68
N THR B 281 28.24 -13.10 -5.64
CA THR B 281 28.03 -13.68 -4.34
C THR B 281 27.23 -12.82 -3.38
N ILE B 282 27.21 -11.51 -3.59
CA ILE B 282 26.42 -10.63 -2.73
C ILE B 282 25.32 -9.86 -3.47
N ASN B 283 25.69 -9.06 -4.44
CA ASN B 283 24.72 -8.14 -5.05
C ASN B 283 23.70 -8.76 -5.99
N ARG B 284 24.13 -9.67 -6.86
CA ARG B 284 23.19 -10.42 -7.71
C ARG B 284 22.21 -11.21 -6.82
N PRO B 285 22.72 -12.11 -5.97
CA PRO B 285 21.76 -12.81 -5.13
C PRO B 285 20.80 -11.90 -4.32
N ASN B 286 21.26 -10.76 -3.80
CA ASN B 286 20.37 -9.85 -3.09
C ASN B 286 19.24 -9.37 -4.00
N LEU B 287 19.61 -8.89 -5.18
CA LEU B 287 18.64 -8.53 -6.18
C LEU B 287 17.56 -9.62 -6.41
N VAL B 288 18.00 -10.87 -6.53
CA VAL B 288 17.09 -11.99 -6.83
C VAL B 288 16.17 -12.40 -5.67
N GLU B 289 16.64 -12.23 -4.44
CA GLU B 289 15.87 -12.72 -3.29
C GLU B 289 15.00 -11.62 -2.70
N ASN B 290 15.44 -10.38 -2.85
CA ASN B 290 14.91 -9.32 -2.00
C ASN B 290 14.43 -8.08 -2.72
N ILE B 291 14.89 -7.87 -3.96
CA ILE B 291 14.60 -6.63 -4.65
C ILE B 291 13.68 -6.87 -5.83
N LEU B 292 14.05 -7.81 -6.69
CA LEU B 292 13.29 -8.07 -7.88
C LEU B 292 11.86 -8.55 -7.61
N PRO B 293 11.65 -9.30 -6.53
CA PRO B 293 10.25 -9.64 -6.25
C PRO B 293 9.38 -8.43 -5.84
N THR B 294 10.01 -7.28 -5.57
CA THR B 294 9.25 -6.11 -5.19
C THR B 294 8.86 -5.24 -6.40
N ARG B 295 9.37 -5.60 -7.57
CA ARG B 295 9.07 -4.92 -8.84
C ARG B 295 7.56 -4.69 -9.10
N PRO B 296 6.69 -5.71 -8.92
CA PRO B 296 5.26 -5.52 -9.21
C PRO B 296 4.50 -4.67 -8.18
N ARG B 297 5.18 -4.16 -7.17
CA ARG B 297 4.53 -3.30 -6.18
C ARG B 297 4.69 -1.84 -6.50
N ALA B 298 5.55 -1.51 -7.45
CA ALA B 298 5.79 -0.10 -7.77
C ALA B 298 4.62 0.48 -8.55
N THR B 299 4.39 1.78 -8.41
CA THR B 299 3.40 2.49 -9.23
C THR B 299 3.88 2.51 -10.69
N LEU B 300 5.18 2.65 -10.83
CA LEU B 300 5.80 2.81 -12.12
C LEU B 300 7.09 1.98 -12.19
N VAL B 301 7.17 1.14 -13.20
CA VAL B 301 8.42 0.47 -13.46
C VAL B 301 9.08 1.02 -14.74
N LEU B 302 10.29 1.55 -14.60
CA LEU B 302 11.10 1.95 -15.73
C LEU B 302 12.17 0.89 -15.98
N ARG B 303 12.28 0.46 -17.23
CA ARG B 303 13.28 -0.48 -17.66
C ARG B 303 14.31 0.32 -18.46
N LYS B 304 15.58 0.16 -18.12
CA LYS B 304 16.67 0.77 -18.87
C LYS B 304 17.32 -0.26 -19.78
N ASP B 305 17.69 0.14 -20.98
CA ASP B 305 18.34 -0.79 -21.88
C ASP B 305 19.82 -0.84 -21.57
N ALA B 306 20.55 -1.69 -22.30
CA ALA B 306 21.98 -1.92 -22.06
C ALA B 306 22.81 -0.66 -21.76
N ASP B 307 22.50 0.46 -22.39
CA ASP B 307 23.29 1.68 -22.16
C ASP B 307 22.53 2.85 -21.53
N HIS B 308 21.58 2.54 -20.65
CA HIS B 308 21.00 3.52 -19.72
C HIS B 308 19.79 4.32 -20.20
N SER B 309 19.31 4.05 -21.40
CA SER B 309 18.13 4.78 -21.81
C SER B 309 16.89 3.91 -21.55
N ILE B 310 15.79 4.55 -21.21
CA ILE B 310 14.59 3.83 -20.88
C ILE B 310 14.00 3.31 -22.17
N ASN B 311 13.60 2.03 -22.16
CA ASN B 311 13.02 1.36 -23.31
C ASN B 311 11.64 0.70 -23.01
N ARG B 312 11.00 1.13 -21.91
CA ARG B 312 9.73 0.53 -21.47
C ARG B 312 9.29 1.13 -20.12
N LEU B 313 8.10 1.71 -20.09
CA LEU B 313 7.48 2.20 -18.86
C LEU B 313 6.25 1.37 -18.54
N ARG B 314 6.06 1.08 -17.25
CA ARG B 314 4.78 0.50 -16.79
C ARG B 314 4.15 1.34 -15.70
N LEU B 315 3.07 2.04 -16.05
CA LEU B 315 2.30 2.80 -15.09
C LEU B 315 1.10 2.00 -14.58
N ARG B 316 0.97 1.92 -13.27
CA ARG B 316 -0.19 1.29 -12.64
C ARG B 316 -1.46 1.93 -13.17
N LYS B 317 -2.44 1.11 -13.52
CA LYS B 317 -3.70 1.64 -14.12
C LYS B 317 -4.43 2.53 -13.15
N LEU B 318 -4.63 3.79 -13.53
CA LEU B 318 -5.37 4.74 -12.69
C LEU B 318 -6.89 4.55 -12.73
P PO4 C . -18.36 -10.11 10.99
O1 PO4 C . -19.70 -9.61 11.49
O2 PO4 C . -18.41 -10.34 9.50
O3 PO4 C . -17.97 -11.40 11.63
O4 PO4 C . -17.35 -9.07 11.40
F9 ZVX D . -19.68 -14.60 15.14
C6 ZVX D . -19.71 -15.89 14.79
C7 ZVX D . -19.35 -16.23 13.48
C8 ZVX D . -19.37 -17.56 13.10
C5 ZVX D . -20.10 -16.88 15.70
C4 ZVX D . -20.12 -18.21 15.31
C3 ZVX D . -19.77 -18.56 13.99
O2 ZVX D . -19.75 -19.85 13.51
C1 ZVX D . -20.41 -20.98 14.10
C10 ZVX D . -19.69 -21.43 15.36
S11 ZVX D . -18.32 -22.46 14.96
C12 ZVX D . -17.00 -21.43 14.46
N13 ZVX D . -16.73 -20.25 14.98
N14 ZVX D . -15.68 -19.86 14.30
N16 ZVX D . -16.18 -21.80 13.49
C17 ZVX D . -16.21 -23.08 12.75
C15 ZVX D . -15.32 -20.78 13.38
C18 ZVX D . -14.17 -20.72 12.42
C19 ZVX D . -12.84 -20.33 12.94
N20 ZVX D . -14.29 -20.38 11.15
C21 ZVX D . -15.40 -20.03 10.49
O28 ZVX D . -16.42 -20.70 10.46
C22 ZVX D . -15.32 -18.76 9.68
C27 ZVX D . -16.17 -17.68 9.89
F30 ZVX D . -17.12 -17.72 10.85
C23 ZVX D . -14.33 -18.68 8.70
F29 ZVX D . -13.53 -19.73 8.52
C24 ZVX D . -14.19 -17.54 7.92
C25 ZVX D . -15.04 -16.46 8.12
C26 ZVX D . -16.02 -16.53 9.10
P PO4 E . 22.33 3.37 -7.62
O1 PO4 E . 22.79 4.60 -8.38
O2 PO4 E . 21.57 3.88 -6.44
O3 PO4 E . 23.48 2.53 -7.13
O4 PO4 E . 21.54 2.46 -8.51
F9 ZVX F . 28.02 -0.05 -8.50
C6 ZVX F . 28.71 -0.08 -7.34
C7 ZVX F . 28.07 0.32 -6.16
C8 ZVX F . 28.77 0.29 -4.96
C5 ZVX F . 30.04 -0.52 -7.34
C4 ZVX F . 30.73 -0.55 -6.14
C3 ZVX F . 30.10 -0.15 -4.95
O2 ZVX F . 30.75 -0.16 -3.73
C1 ZVX F . 32.13 -0.52 -3.53
C10 ZVX F . 32.47 -1.81 -4.25
S11 ZVX F . 32.57 -3.15 -3.11
C12 ZVX F . 30.93 -3.49 -2.64
N13 ZVX F . 29.94 -3.56 -3.51
N14 ZVX F . 28.89 -3.82 -2.76
N16 ZVX F . 30.57 -3.69 -1.39
C17 ZVX F . 31.46 -3.68 -0.20
C15 ZVX F . 29.26 -3.89 -1.46
C18 ZVX F . 28.31 -4.18 -0.35
C19 ZVX F . 27.90 -5.60 -0.23
N20 ZVX F . 27.48 -3.27 0.15
C21 ZVX F . 27.42 -1.99 -0.24
O28 ZVX F . 28.43 -1.39 -0.52
C22 ZVX F . 26.13 -1.22 -0.30
C27 ZVX F . 25.75 -0.55 -1.47
F30 ZVX F . 26.53 -0.61 -2.56
C23 ZVX F . 25.30 -1.12 0.81
F29 ZVX F . 25.64 -1.73 1.94
C24 ZVX F . 24.10 -0.39 0.77
C25 ZVX F . 23.73 0.25 -0.40
C26 ZVX F . 24.55 0.17 -1.52
#